data_9M1O
#
_entry.id   9M1O
#
_cell.length_a   1.00
_cell.length_b   1.00
_cell.length_c   1.00
_cell.angle_alpha   90.00
_cell.angle_beta   90.00
_cell.angle_gamma   90.00
#
_symmetry.space_group_name_H-M   'P 1'
#
loop_
_entity.id
_entity.type
_entity.pdbx_description
1 polymer 'Soluble cytochrome b562,Neuropeptide FF receptor 2,Neuropeptide FF receptor 2'
2 polymer 'Guanine nucleotide-binding protein G(I)/G(S)/G(T) subunit beta-1'
3 polymer 'Guanine nucleotide-binding protein G(I)/G(S)/G(O) subunit gamma-2'
4 polymer 'Morphine-modulating neuropeptide B'
5 polymer scfv16
6 polymer 'Guanine nucleotide-binding protein G(i) subunit alpha-1'
#
loop_
_entity_poly.entity_id
_entity_poly.type
_entity_poly.pdbx_seq_one_letter_code
_entity_poly.pdbx_strand_id
1 'polypeptide(L)'
;MDSKGSSQKGSRLLLLLVVSNLLLCQGVVSDYKDDDDVDGSAENLYFQGASADLEDNWETLNDNLKVIEKADNAAQVKDA
LTKMRAAALDAQKATPPKLEDKSPDSPEMKDFRHGFDILVGQIDDALKLANEGKVKEAQAAAEQLKTTRNAYIQKYLMNE
KWDTNSSENWHPIWNVNDTKHHLYSDINITYVNYYLHQPQVAAIFIISYFLIFFLCMMGNTVVCFIVMRNKHMHTVTNLF
ILNLAISDLLVGIFCMPITLLDNIIAGWPFGNTMCKISGLVQGISVAASVFTLVAIAVDRFQCVVYPFKPKLTIKTAFVI
IMIIWVLAITIMSPSAVMLHVQEEKYYRVRLNSQNKTSPVYWCREDWPNQEMRKIYTTVLFANIYLAPLSLIVIMYGRIG
ISLFRAAVPHTGRKNQEQWHVVSRKKQKIIKMLLIVALLFILSWLPLWTLMMLSDYADLSPNELQIINIYIYPFAHWLAF
GNSSVNPIIYGFFNENFRRGFQEAFQLQLCQKRAKPMEAYALKAKSHVLINTSNQLVQESTFQNPHGETLLYRKSAEKPQ
QELVMEELKETTNSSEIHHHHHHHHHHHH
;
R
2 'polypeptide(L)'
;MHHHHHHGSLLQSELDQLRQEAEQLKNQIRDARKACADATLSQITNNIDPVGRIQMRTRRTLRGHLAKIYAMHWGTDSRL
LVSASQDGKLIIWDSYTTNKVHAIPLRSSWVMTCAYAPSGNYVACGGLDNICSIYNLKTREGNVRVSRELAGHTGYLSCC
RFLDDNQIVTSSGDTTCALWDIETGQQTTTFTGHTGDVMSLSLAPDTRLFVSGACDASAKLWDVREGMCRQTFTGHESDI
NAICFFPNGNAFATGSDDATCRLFDLRADQELMTYSHDNIICGITSVSFSKSGRLLLAGYDDFNCNVWDALKADRAGVLA
GHDNRVSCLGVTDDGMAVATGSWDSFLKIWNGSSGGGGSGGGGSSG
;
B
3 'polypeptide(L)' MASNNTASIAQARKLVEQLKMEANIDRIKVSKAAADLMAYCEAHAKEDPLLTPVPASENPFREKKFFCAIL G
4 'polypeptide(L)' FLFQPQRF(NH2) L
5 'polypeptide(L)'
;VQLVESGGGLVQPGGSRKLSCSASGFAFSSFGMHWVRQAPEKGLEWVAYISSGSGTIYYADTVKGRFTISRDDPKNTLFL
QMTSLRSEDTAMYYCVRSIYYYGSSPFDFWGQGTTLTVSAGGGGSGGGGSGGGGSADIVMTQATSSVPVTPGESVSISCR
SSKSLLHSNGNTYLYWFLQRPGQSPQLLIYRMSNLASGVPDRFSGSGSGTAFTLTISRLEAEDVGVYYCMQHLEYPLTFG
AGTKLEL
;
S
6 'polypeptide(L)'
;MGCTLSAEDKAAVERSKMIDRNLREDGEKAAREVKLLLLGAGESGKSTIVKQMKIIHEAGYSEEECKQYKAVVYSNTIQS
IIAIIRAMGRLKIDFGDSARADDARQLFVLAGAAEEGFMTAELAGVIKRLWKDSGVQACFNRSREYQLNDSAAYYLNDLD
RIAQPNYIPTQQDVLRTRVKTTGIVETHFTFKDLHFKMFDVGAQRSERKKWIHCFEGVTAIIFCVALSDYDLVLAEDEEM
NRMHESMKLFDSICNNKWFTDTSIILFLNKKDLFEEKIKKSPLTICYPEYAGSNTYEEAAAYIQCQFEDLNKRKDTKEIY
THFTCSTDTKNVQFVFDAVTDVIIKNNLKDCGLF
;
A
#
# COMPACT_ATOMS: atom_id res chain seq x y z
N THR A 190 -10.60 -20.04 -70.68
CA THR A 190 -11.20 -21.21 -70.05
C THR A 190 -12.42 -20.84 -69.21
N TYR A 191 -12.74 -21.68 -68.24
CA TYR A 191 -13.92 -21.46 -67.41
C TYR A 191 -13.63 -22.05 -66.02
N VAL A 192 -14.48 -21.69 -65.06
CA VAL A 192 -14.40 -22.22 -63.70
C VAL A 192 -15.80 -22.10 -63.10
N ASN A 193 -16.08 -22.81 -62.02
CA ASN A 193 -17.42 -22.86 -61.46
C ASN A 193 -17.39 -22.57 -59.96
N TYR A 194 -18.43 -21.91 -59.49
CA TYR A 194 -18.65 -21.72 -58.07
C TYR A 194 -19.00 -23.05 -57.41
N TYR A 195 -18.68 -23.17 -56.13
CA TYR A 195 -18.62 -24.48 -55.47
C TYR A 195 -17.63 -25.39 -56.20
N LEU A 196 -16.35 -25.01 -56.09
CA LEU A 196 -15.25 -25.55 -56.89
C LEU A 196 -15.30 -27.05 -57.12
N HIS A 197 -15.53 -27.82 -56.06
CA HIS A 197 -15.43 -29.27 -56.13
C HIS A 197 -16.69 -29.89 -55.56
N GLN A 198 -16.66 -31.21 -55.37
CA GLN A 198 -17.83 -31.93 -54.90
C GLN A 198 -18.19 -31.48 -53.48
N PRO A 199 -19.48 -31.55 -53.12
CA PRO A 199 -19.89 -31.05 -51.79
C PRO A 199 -19.26 -31.81 -50.64
N GLN A 200 -18.76 -33.03 -50.85
CA GLN A 200 -18.21 -33.82 -49.77
C GLN A 200 -16.98 -33.15 -49.14
N VAL A 201 -15.91 -32.98 -49.92
CA VAL A 201 -14.69 -32.41 -49.37
C VAL A 201 -14.87 -30.94 -49.04
N ALA A 202 -15.74 -30.22 -49.78
CA ALA A 202 -16.01 -28.84 -49.45
C ALA A 202 -16.66 -28.74 -48.07
N ALA A 203 -17.70 -29.55 -47.83
CA ALA A 203 -18.33 -29.57 -46.51
C ALA A 203 -17.37 -30.03 -45.43
N ILE A 204 -16.43 -30.91 -45.78
CA ILE A 204 -15.39 -31.29 -44.83
C ILE A 204 -14.56 -30.07 -44.45
N PHE A 205 -14.17 -29.26 -45.44
CA PHE A 205 -13.43 -28.03 -45.16
C PHE A 205 -14.23 -27.09 -44.26
N ILE A 206 -15.51 -26.91 -44.58
CA ILE A 206 -16.34 -26.01 -43.78
C ILE A 206 -16.46 -26.53 -42.35
N ILE A 207 -16.67 -27.84 -42.19
CA ILE A 207 -16.85 -28.42 -40.87
C ILE A 207 -15.58 -28.25 -40.04
N SER A 208 -14.42 -28.53 -40.65
CA SER A 208 -13.17 -28.39 -39.92
C SER A 208 -12.92 -26.95 -39.51
N TYR A 209 -13.03 -26.02 -40.47
CA TYR A 209 -12.72 -24.60 -40.15
C TYR A 209 -13.69 -24.13 -39.08
N PHE A 210 -14.96 -24.52 -39.22
CA PHE A 210 -16.00 -24.13 -38.22
C PHE A 210 -15.54 -24.65 -36.86
N LEU A 211 -15.03 -25.89 -36.82
CA LEU A 211 -14.56 -26.49 -35.55
C LEU A 211 -13.52 -25.54 -34.92
N ILE A 212 -12.44 -25.26 -35.65
CA ILE A 212 -11.39 -24.33 -35.15
C ILE A 212 -12.07 -23.06 -34.61
N PHE A 213 -12.90 -22.41 -35.43
CA PHE A 213 -13.56 -21.15 -35.01
C PHE A 213 -14.20 -21.33 -33.64
N PHE A 214 -15.17 -22.23 -33.54
CA PHE A 214 -15.89 -22.45 -32.24
C PHE A 214 -14.85 -22.62 -31.13
N LEU A 215 -13.96 -23.61 -31.28
CA LEU A 215 -12.94 -23.85 -30.24
C LEU A 215 -12.30 -22.50 -29.86
N CYS A 216 -11.94 -21.72 -30.88
CA CYS A 216 -11.30 -20.43 -30.61
C CYS A 216 -12.25 -19.50 -29.87
N MET A 217 -13.50 -19.41 -30.31
CA MET A 217 -14.48 -18.57 -29.63
C MET A 217 -14.61 -18.96 -28.16
N MET A 218 -14.84 -20.25 -27.90
CA MET A 218 -15.07 -20.69 -26.53
C MET A 218 -13.84 -20.45 -25.67
N GLY A 219 -12.67 -20.86 -26.14
CA GLY A 219 -11.46 -20.71 -25.34
C GLY A 219 -11.13 -19.26 -25.06
N ASN A 220 -11.17 -18.41 -26.10
CA ASN A 220 -10.83 -17.01 -25.90
C ASN A 220 -11.86 -16.29 -25.05
N THR A 221 -13.14 -16.66 -25.18
CA THR A 221 -14.17 -16.04 -24.36
C THR A 221 -14.01 -16.40 -22.89
N VAL A 222 -13.77 -17.69 -22.60
CA VAL A 222 -13.60 -18.07 -21.20
C VAL A 222 -12.30 -17.49 -20.64
N VAL A 223 -11.28 -17.31 -21.49
CA VAL A 223 -10.03 -16.71 -21.02
C VAL A 223 -10.23 -15.23 -20.71
N CYS A 224 -10.91 -14.51 -21.61
CA CYS A 224 -11.06 -13.07 -21.44
C CYS A 224 -12.04 -12.74 -20.31
N PHE A 225 -13.08 -13.56 -20.13
CA PHE A 225 -14.09 -13.26 -19.14
C PHE A 225 -13.51 -13.23 -17.74
N ILE A 226 -12.62 -14.17 -17.42
CA ILE A 226 -12.05 -14.23 -16.07
C ILE A 226 -11.15 -13.03 -15.81
N VAL A 227 -10.51 -12.48 -16.84
CA VAL A 227 -9.58 -11.36 -16.63
C VAL A 227 -10.34 -10.10 -16.26
N MET A 228 -11.41 -9.78 -17.00
CA MET A 228 -12.16 -8.56 -16.72
C MET A 228 -12.94 -8.68 -15.42
N ARG A 229 -13.51 -9.85 -15.14
CA ARG A 229 -14.31 -10.03 -13.93
C ARG A 229 -13.44 -9.93 -12.68
N ASN A 230 -12.14 -10.17 -12.82
CA ASN A 230 -11.22 -10.16 -11.68
C ASN A 230 -10.36 -8.90 -11.75
N LYS A 231 -10.66 -7.93 -10.89
CA LYS A 231 -9.86 -6.71 -10.83
C LYS A 231 -8.43 -7.01 -10.38
N HIS A 232 -8.27 -7.89 -9.41
CA HIS A 232 -6.95 -8.22 -8.88
C HIS A 232 -6.12 -9.06 -9.84
N MET A 233 -6.73 -9.67 -10.86
CA MET A 233 -6.00 -10.47 -11.84
C MET A 233 -5.48 -9.59 -12.97
N HIS A 234 -4.72 -8.56 -12.59
CA HIS A 234 -4.15 -7.62 -13.54
C HIS A 234 -2.63 -7.60 -13.48
N THR A 235 -2.03 -8.74 -13.15
CA THR A 235 -0.58 -8.85 -13.12
C THR A 235 -0.03 -8.90 -14.55
N VAL A 236 1.31 -8.87 -14.64
CA VAL A 236 1.96 -8.78 -15.94
C VAL A 236 1.66 -10.02 -16.79
N THR A 237 1.77 -11.20 -16.18
CA THR A 237 1.50 -12.43 -16.94
C THR A 237 0.04 -12.51 -17.35
N ASN A 238 -0.87 -12.08 -16.47
CA ASN A 238 -2.29 -12.06 -16.85
C ASN A 238 -2.54 -11.08 -17.98
N LEU A 239 -1.86 -9.93 -17.95
CA LEU A 239 -2.00 -8.96 -19.03
C LEU A 239 -1.50 -9.54 -20.36
N PHE A 240 -0.38 -10.26 -20.32
CA PHE A 240 0.15 -10.87 -21.54
C PHE A 240 -0.78 -11.97 -22.05
N ILE A 241 -1.37 -12.74 -21.15
CA ILE A 241 -2.32 -13.77 -21.56
C ILE A 241 -3.57 -13.13 -22.17
N LEU A 242 -4.03 -12.01 -21.59
CA LEU A 242 -5.16 -11.30 -22.16
C LEU A 242 -4.84 -10.76 -23.55
N ASN A 243 -3.63 -10.22 -23.72
CA ASN A 243 -3.21 -9.76 -25.04
C ASN A 243 -3.16 -10.91 -26.04
N LEU A 244 -2.68 -12.07 -25.60
CA LEU A 244 -2.68 -13.25 -26.47
C LEU A 244 -4.09 -13.65 -26.85
N ALA A 245 -5.02 -13.58 -25.89
CA ALA A 245 -6.41 -13.91 -26.19
C ALA A 245 -7.01 -12.93 -27.20
N ILE A 246 -6.70 -11.64 -27.04
CA ILE A 246 -7.19 -10.64 -27.98
C ILE A 246 -6.63 -10.91 -29.38
N SER A 247 -5.32 -11.20 -29.45
CA SER A 247 -4.69 -11.47 -30.73
C SER A 247 -5.27 -12.74 -31.37
N ASP A 248 -5.61 -13.73 -30.55
CA ASP A 248 -6.18 -14.96 -31.08
C ASP A 248 -7.60 -14.75 -31.59
N LEU A 249 -8.40 -13.94 -30.88
CA LEU A 249 -9.72 -13.58 -31.38
C LEU A 249 -9.62 -12.83 -32.70
N LEU A 250 -8.67 -11.90 -32.78
CA LEU A 250 -8.47 -11.14 -34.02
C LEU A 250 -8.00 -12.05 -35.15
N VAL A 251 -7.12 -13.01 -34.84
CA VAL A 251 -6.70 -13.99 -35.84
C VAL A 251 -7.91 -14.77 -36.34
N GLY A 252 -8.70 -15.29 -35.41
CA GLY A 252 -9.83 -16.14 -35.77
C GLY A 252 -10.86 -15.43 -36.62
N ILE A 253 -11.54 -14.44 -36.02
CA ILE A 253 -12.70 -13.84 -36.67
C ILE A 253 -12.32 -13.02 -37.90
N PHE A 254 -11.03 -12.76 -38.12
CA PHE A 254 -10.59 -12.02 -39.29
C PHE A 254 -9.88 -12.89 -40.32
N CYS A 255 -9.49 -14.12 -39.96
CA CYS A 255 -8.73 -14.93 -40.88
C CYS A 255 -9.51 -16.18 -41.30
N MET A 256 -10.05 -16.93 -40.34
CA MET A 256 -10.75 -18.15 -40.70
C MET A 256 -11.95 -17.93 -41.62
N PRO A 257 -12.86 -16.97 -41.37
CA PRO A 257 -13.98 -16.77 -42.31
C PRO A 257 -13.51 -16.44 -43.72
N ILE A 258 -12.64 -15.44 -43.84
CA ILE A 258 -12.20 -14.98 -45.15
C ILE A 258 -11.44 -16.07 -45.88
N THR A 259 -10.55 -16.78 -45.16
CA THR A 259 -9.83 -17.89 -45.78
C THR A 259 -10.76 -18.99 -46.22
N LEU A 260 -11.81 -19.26 -45.43
CA LEU A 260 -12.79 -20.27 -45.81
C LEU A 260 -13.52 -19.87 -47.10
N LEU A 261 -13.94 -18.60 -47.18
CA LEU A 261 -14.62 -18.14 -48.39
C LEU A 261 -13.70 -18.17 -49.61
N ASP A 262 -12.44 -17.78 -49.45
CA ASP A 262 -11.53 -17.80 -50.58
C ASP A 262 -11.28 -19.22 -51.08
N ASN A 263 -11.36 -20.20 -50.19
CA ASN A 263 -11.20 -21.59 -50.56
C ASN A 263 -12.53 -22.26 -50.91
N ILE A 264 -13.65 -21.56 -50.77
CA ILE A 264 -14.96 -22.10 -51.11
C ILE A 264 -15.65 -21.33 -52.22
N ILE A 265 -15.16 -20.15 -52.59
CA ILE A 265 -15.70 -19.36 -53.69
C ILE A 265 -14.62 -19.23 -54.75
N ALA A 266 -14.95 -19.55 -55.99
CA ALA A 266 -14.00 -19.43 -57.09
C ALA A 266 -13.60 -17.98 -57.30
N GLY A 267 -12.31 -17.70 -57.17
CA GLY A 267 -11.81 -16.35 -57.29
C GLY A 267 -11.95 -15.59 -55.98
N TRP A 268 -11.59 -14.31 -56.04
CA TRP A 268 -11.70 -13.43 -54.88
C TRP A 268 -13.02 -12.68 -54.97
N PRO A 269 -13.93 -12.88 -54.02
CA PRO A 269 -15.30 -12.37 -54.17
C PRO A 269 -15.58 -11.01 -53.57
N PHE A 270 -14.56 -10.26 -53.13
CA PHE A 270 -14.82 -8.97 -52.50
C PHE A 270 -14.09 -7.84 -53.21
N GLY A 271 -14.12 -6.65 -52.61
CA GLY A 271 -13.55 -5.46 -53.21
C GLY A 271 -12.13 -5.18 -52.75
N ASN A 272 -11.60 -4.04 -53.21
CA ASN A 272 -10.23 -3.68 -52.92
C ASN A 272 -10.04 -3.19 -51.49
N THR A 273 -10.97 -2.37 -50.99
CA THR A 273 -10.85 -1.88 -49.61
C THR A 273 -10.92 -3.04 -48.62
N MET A 274 -11.86 -3.96 -48.83
CA MET A 274 -11.92 -5.15 -47.99
C MET A 274 -10.66 -5.99 -48.15
N CYS A 275 -10.11 -6.04 -49.36
CA CYS A 275 -8.86 -6.78 -49.57
C CYS A 275 -7.73 -6.23 -48.70
N LYS A 276 -7.51 -4.91 -48.77
CA LYS A 276 -6.44 -4.31 -47.98
C LYS A 276 -6.71 -4.48 -46.49
N ILE A 277 -7.95 -4.27 -46.07
CA ILE A 277 -8.29 -4.38 -44.65
C ILE A 277 -8.04 -5.80 -44.16
N SER A 278 -8.50 -6.80 -44.93
CA SER A 278 -8.35 -8.19 -44.53
C SER A 278 -6.88 -8.58 -44.44
N GLY A 279 -6.09 -8.22 -45.46
CA GLY A 279 -4.68 -8.55 -45.42
C GLY A 279 -3.99 -7.93 -44.23
N LEU A 280 -4.24 -6.63 -44.00
CA LEU A 280 -3.60 -5.94 -42.89
C LEU A 280 -3.99 -6.56 -41.55
N VAL A 281 -5.28 -6.82 -41.34
CA VAL A 281 -5.71 -7.32 -40.03
C VAL A 281 -5.21 -8.74 -39.81
N GLN A 282 -5.25 -9.59 -40.84
CA GLN A 282 -4.77 -10.96 -40.66
C GLN A 282 -3.28 -10.97 -40.34
N GLY A 283 -2.48 -10.23 -41.11
CA GLY A 283 -1.05 -10.19 -40.83
C GLY A 283 -0.73 -9.62 -39.46
N ILE A 284 -1.39 -8.52 -39.10
CA ILE A 284 -1.16 -7.89 -37.81
C ILE A 284 -1.53 -8.84 -36.68
N SER A 285 -2.67 -9.53 -36.84
CA SER A 285 -3.14 -10.43 -35.80
C SER A 285 -2.18 -11.60 -35.60
N VAL A 286 -1.72 -12.19 -36.71
CA VAL A 286 -0.80 -13.32 -36.60
C VAL A 286 0.51 -12.89 -35.97
N ALA A 287 1.05 -11.75 -36.41
CA ALA A 287 2.30 -11.26 -35.85
C ALA A 287 2.15 -10.93 -34.37
N ALA A 288 1.02 -10.32 -33.99
CA ALA A 288 0.79 -9.99 -32.59
C ALA A 288 0.68 -11.25 -31.74
N SER A 289 0.01 -12.28 -32.24
CA SER A 289 -0.09 -13.53 -31.49
C SER A 289 1.30 -14.14 -31.27
N VAL A 290 2.10 -14.19 -32.33
CA VAL A 290 3.44 -14.77 -32.21
C VAL A 290 4.29 -13.96 -31.25
N PHE A 291 4.26 -12.63 -31.36
CA PHE A 291 5.09 -11.80 -30.50
C PHE A 291 4.60 -11.82 -29.05
N THR A 292 3.29 -12.00 -28.83
CA THR A 292 2.78 -12.18 -27.48
C THR A 292 3.26 -13.49 -26.89
N LEU A 293 3.33 -14.54 -27.72
CA LEU A 293 3.94 -15.79 -27.26
C LEU A 293 5.39 -15.56 -26.86
N VAL A 294 6.13 -14.80 -27.67
CA VAL A 294 7.53 -14.53 -27.35
C VAL A 294 7.64 -13.74 -26.05
N ALA A 295 6.77 -12.76 -25.86
CA ALA A 295 6.81 -11.96 -24.64
C ALA A 295 6.46 -12.80 -23.41
N ILE A 296 5.50 -13.72 -23.55
CA ILE A 296 5.18 -14.62 -22.45
C ILE A 296 6.38 -15.49 -22.11
N ALA A 297 7.07 -16.00 -23.14
CA ALA A 297 8.28 -16.77 -22.90
C ALA A 297 9.34 -15.93 -22.21
N VAL A 298 9.46 -14.65 -22.57
CA VAL A 298 10.42 -13.76 -21.93
C VAL A 298 10.07 -13.59 -20.45
N ASP A 299 8.79 -13.37 -20.15
CA ASP A 299 8.37 -13.20 -18.77
C ASP A 299 8.63 -14.46 -17.95
N ARG A 300 8.36 -15.64 -18.54
CA ARG A 300 8.65 -16.89 -17.84
C ARG A 300 10.15 -17.07 -17.62
N PHE A 301 10.95 -16.67 -18.62
CA PHE A 301 12.40 -16.83 -18.51
C PHE A 301 12.98 -15.96 -17.39
N GLN A 302 12.47 -14.74 -17.25
CA GLN A 302 12.96 -13.85 -16.20
C GLN A 302 12.61 -14.36 -14.82
N CYS A 303 11.47 -15.06 -14.70
CA CYS A 303 11.01 -15.48 -13.38
C CYS A 303 11.82 -16.64 -12.82
N VAL A 304 12.51 -17.40 -13.69
CA VAL A 304 13.20 -18.59 -13.25
C VAL A 304 14.70 -18.36 -13.15
N VAL A 305 15.33 -18.01 -14.27
CA VAL A 305 16.79 -17.91 -14.30
C VAL A 305 17.27 -16.70 -13.52
N TYR A 306 16.43 -15.67 -13.38
CA TYR A 306 16.78 -14.45 -12.66
C TYR A 306 15.70 -14.16 -11.63
N PRO A 307 15.60 -14.98 -10.58
CA PRO A 307 14.52 -14.78 -9.60
C PRO A 307 14.71 -13.53 -8.76
N PHE A 308 15.94 -13.10 -8.52
CA PHE A 308 16.19 -11.95 -7.66
C PHE A 308 16.09 -10.61 -8.38
N LYS A 309 16.05 -10.61 -9.71
CA LYS A 309 15.86 -9.36 -10.43
C LYS A 309 14.45 -8.83 -10.18
N PRO A 310 14.28 -7.51 -10.17
CA PRO A 310 12.96 -6.93 -9.87
C PRO A 310 11.92 -7.37 -10.89
N LYS A 311 10.71 -7.60 -10.40
CA LYS A 311 9.61 -8.01 -11.26
C LYS A 311 9.22 -6.90 -12.22
N LEU A 312 8.78 -7.29 -13.41
CA LEU A 312 8.36 -6.32 -14.41
C LEU A 312 7.15 -5.54 -13.93
N THR A 313 7.19 -4.23 -14.12
CA THR A 313 6.09 -3.37 -13.71
C THR A 313 4.94 -3.44 -14.72
N ILE A 314 3.76 -3.00 -14.28
CA ILE A 314 2.60 -2.97 -15.16
C ILE A 314 2.81 -1.99 -16.29
N LYS A 315 3.45 -0.85 -16.01
CA LYS A 315 3.78 0.09 -17.07
C LYS A 315 4.74 -0.53 -18.07
N THR A 316 5.68 -1.34 -17.59
CA THR A 316 6.58 -2.06 -18.51
C THR A 316 5.81 -3.05 -19.36
N ALA A 317 4.83 -3.74 -18.77
CA ALA A 317 4.01 -4.66 -19.55
C ALA A 317 3.22 -3.94 -20.62
N PHE A 318 2.63 -2.78 -20.28
CA PHE A 318 1.89 -2.02 -21.28
C PHE A 318 2.80 -1.51 -22.38
N VAL A 319 4.01 -1.07 -22.02
CA VAL A 319 4.98 -0.63 -23.02
C VAL A 319 5.35 -1.79 -23.94
N ILE A 320 5.56 -2.97 -23.37
CA ILE A 320 5.92 -4.14 -24.19
C ILE A 320 4.78 -4.49 -25.13
N ILE A 321 3.54 -4.42 -24.65
CA ILE A 321 2.38 -4.67 -25.51
C ILE A 321 2.35 -3.66 -26.65
N MET A 322 2.63 -2.39 -26.34
CA MET A 322 2.64 -1.37 -27.38
C MET A 322 3.72 -1.64 -28.42
N ILE A 323 4.91 -2.03 -27.99
CA ILE A 323 5.97 -2.37 -28.95
C ILE A 323 5.57 -3.57 -29.78
N ILE A 324 4.91 -4.55 -29.15
CA ILE A 324 4.47 -5.73 -29.89
C ILE A 324 3.50 -5.34 -31.01
N TRP A 325 2.49 -4.55 -30.66
CA TRP A 325 1.50 -4.13 -31.64
C TRP A 325 2.14 -3.29 -32.74
N VAL A 326 3.02 -2.36 -32.37
CA VAL A 326 3.65 -1.48 -33.36
C VAL A 326 4.54 -2.30 -34.29
N LEU A 327 5.34 -3.21 -33.74
CA LEU A 327 6.19 -4.04 -34.58
C LEU A 327 5.36 -4.92 -35.51
N ALA A 328 4.23 -5.43 -35.02
CA ALA A 328 3.33 -6.19 -35.89
C ALA A 328 2.77 -5.31 -37.00
N ILE A 329 2.55 -4.04 -36.71
CA ILE A 329 1.98 -3.14 -37.71
C ILE A 329 2.97 -2.88 -38.84
N THR A 330 4.22 -2.56 -38.49
CA THR A 330 5.15 -2.06 -39.50
C THR A 330 6.00 -3.16 -40.13
N ILE A 331 5.95 -4.39 -39.60
CA ILE A 331 6.74 -5.45 -40.21
C ILE A 331 6.24 -5.75 -41.62
N MET A 332 4.92 -5.77 -41.79
CA MET A 332 4.30 -6.12 -43.06
C MET A 332 3.41 -5.02 -43.62
N SER A 333 3.60 -3.79 -43.18
CA SER A 333 2.92 -2.66 -43.80
C SER A 333 3.18 -2.57 -45.30
N PRO A 334 4.39 -2.81 -45.82
CA PRO A 334 4.55 -2.81 -47.29
C PRO A 334 3.65 -3.80 -48.00
N SER A 335 3.33 -4.93 -47.38
CA SER A 335 2.41 -5.88 -48.01
C SER A 335 0.98 -5.39 -48.03
N ALA A 336 0.64 -4.38 -47.24
CA ALA A 336 -0.73 -3.89 -47.17
C ALA A 336 -0.97 -2.65 -48.03
N VAL A 337 0.07 -1.84 -48.21
CA VAL A 337 -0.10 -0.60 -48.97
C VAL A 337 -0.38 -0.88 -50.44
N MET A 338 0.10 -2.01 -50.95
CA MET A 338 -0.01 -2.34 -52.37
C MET A 338 -0.76 -3.66 -52.55
N LEU A 339 -2.10 -3.56 -52.58
CA LEU A 339 -2.97 -4.68 -52.94
C LEU A 339 -4.14 -4.08 -53.71
N HIS A 340 -4.22 -4.35 -55.01
CA HIS A 340 -5.17 -3.68 -55.87
C HIS A 340 -6.06 -4.65 -56.65
N VAL A 341 -6.27 -5.87 -56.13
CA VAL A 341 -7.33 -6.79 -56.53
C VAL A 341 -7.48 -6.92 -58.05
N GLN A 342 -6.35 -7.02 -58.77
CA GLN A 342 -6.42 -7.23 -60.21
C GLN A 342 -7.23 -8.47 -60.55
N GLU A 343 -7.85 -8.45 -61.72
CA GLU A 343 -8.64 -9.56 -62.22
C GLU A 343 -7.92 -10.26 -63.38
N GLU A 344 -8.30 -11.51 -63.60
CA GLU A 344 -7.82 -12.29 -64.73
C GLU A 344 -8.92 -12.43 -65.76
N LYS A 345 -8.52 -12.61 -67.02
CA LYS A 345 -9.46 -12.74 -68.13
C LYS A 345 -9.42 -14.08 -68.83
N TYR A 346 -8.57 -15.01 -68.39
CA TYR A 346 -8.45 -16.29 -69.08
C TYR A 346 -9.69 -17.15 -68.85
N TYR A 347 -10.28 -17.09 -67.66
CA TYR A 347 -11.42 -17.91 -67.29
C TYR A 347 -12.51 -17.04 -66.68
N ARG A 348 -13.68 -17.65 -66.44
CA ARG A 348 -14.85 -16.94 -65.97
C ARG A 348 -15.48 -17.67 -64.80
N VAL A 349 -16.05 -16.91 -63.87
CA VAL A 349 -16.67 -17.49 -62.67
C VAL A 349 -17.86 -18.35 -63.05
N ARG A 350 -18.69 -17.87 -63.98
CA ARG A 350 -19.86 -18.59 -64.48
C ARG A 350 -20.90 -18.83 -63.40
N LEU A 351 -20.65 -18.32 -62.19
CA LEU A 351 -21.54 -18.48 -61.04
C LEU A 351 -22.01 -19.92 -60.89
N ASN A 352 -23.26 -20.11 -60.47
CA ASN A 352 -23.86 -21.44 -60.38
C ASN A 352 -25.25 -21.52 -61.00
N SER A 353 -25.89 -20.38 -61.29
CA SER A 353 -27.21 -20.36 -61.88
C SER A 353 -27.16 -19.54 -63.17
N GLN A 354 -27.83 -20.06 -64.21
CA GLN A 354 -27.96 -19.40 -65.51
C GLN A 354 -26.61 -19.19 -66.20
N ASN A 355 -25.55 -19.77 -65.64
CA ASN A 355 -24.20 -19.68 -66.20
C ASN A 355 -23.80 -18.21 -66.43
N LYS A 356 -24.05 -17.39 -65.41
CA LYS A 356 -23.76 -15.96 -65.50
C LYS A 356 -22.25 -15.75 -65.39
N THR A 357 -21.63 -15.38 -66.50
CA THR A 357 -20.18 -15.17 -66.52
C THR A 357 -19.82 -13.92 -65.74
N SER A 358 -18.83 -14.05 -64.85
CA SER A 358 -18.29 -12.93 -64.09
C SER A 358 -16.77 -12.99 -64.12
N PRO A 359 -16.11 -11.83 -64.09
CA PRO A 359 -14.65 -11.82 -64.08
C PRO A 359 -14.09 -12.48 -62.81
N VAL A 360 -12.99 -13.20 -62.98
CA VAL A 360 -12.31 -13.84 -61.86
C VAL A 360 -11.34 -12.84 -61.25
N TYR A 361 -11.41 -12.68 -59.93
CA TYR A 361 -10.59 -11.71 -59.21
C TYR A 361 -9.55 -12.44 -58.37
N TRP A 362 -8.35 -11.87 -58.30
CA TRP A 362 -7.28 -12.38 -57.44
C TRP A 362 -6.70 -11.21 -56.65
N CYS A 363 -6.60 -11.37 -55.34
CA CYS A 363 -5.94 -10.39 -54.49
C CYS A 363 -4.48 -10.74 -54.24
N ARG A 364 -3.70 -10.86 -55.32
CA ARG A 364 -2.27 -11.09 -55.22
C ARG A 364 -1.52 -9.76 -55.35
N GLU A 365 -0.49 -9.60 -54.54
CA GLU A 365 0.31 -8.37 -54.57
C GLU A 365 1.17 -8.36 -55.82
N ASP A 366 1.47 -7.15 -56.29
CA ASP A 366 2.21 -6.94 -57.54
C ASP A 366 3.56 -6.31 -57.21
N TRP A 367 4.55 -7.17 -56.94
CA TRP A 367 5.93 -6.71 -56.85
C TRP A 367 6.42 -6.35 -58.24
N PRO A 368 7.12 -5.21 -58.40
CA PRO A 368 7.67 -4.89 -59.73
C PRO A 368 8.67 -5.91 -60.25
N ASN A 369 9.31 -6.69 -59.38
CA ASN A 369 10.02 -7.88 -59.82
C ASN A 369 10.09 -8.85 -58.65
N GLN A 370 10.68 -10.02 -58.89
CA GLN A 370 10.64 -11.10 -57.92
C GLN A 370 11.71 -10.98 -56.84
N GLU A 371 12.68 -10.08 -57.01
CA GLU A 371 13.77 -9.97 -56.05
C GLU A 371 13.27 -9.50 -54.68
N MET A 372 12.49 -8.41 -54.67
CA MET A 372 11.98 -7.93 -53.38
C MET A 372 10.90 -8.86 -52.85
N ARG A 373 10.20 -9.58 -53.73
CA ARG A 373 9.32 -10.66 -53.27
C ARG A 373 10.11 -11.67 -52.46
N LYS A 374 11.25 -12.12 -53.01
CA LYS A 374 12.07 -13.11 -52.33
C LYS A 374 12.58 -12.57 -51.00
N ILE A 375 13.13 -11.35 -51.00
CA ILE A 375 13.73 -10.83 -49.77
C ILE A 375 12.65 -10.56 -48.72
N TYR A 376 11.48 -10.08 -49.14
CA TYR A 376 10.40 -9.81 -48.19
C TYR A 376 9.86 -11.10 -47.58
N THR A 377 9.66 -12.14 -48.40
CA THR A 377 9.22 -13.40 -47.84
C THR A 377 10.28 -13.97 -46.91
N THR A 378 11.57 -13.77 -47.24
CA THR A 378 12.65 -14.24 -46.37
C THR A 378 12.62 -13.52 -45.02
N VAL A 379 12.48 -12.19 -45.02
CA VAL A 379 12.52 -11.47 -43.75
C VAL A 379 11.28 -11.78 -42.93
N LEU A 380 10.13 -11.94 -43.60
CA LEU A 380 8.93 -12.35 -42.88
C LEU A 380 9.11 -13.71 -42.24
N PHE A 381 9.69 -14.67 -42.98
CA PHE A 381 9.99 -15.98 -42.41
C PHE A 381 10.89 -15.85 -41.20
N ALA A 382 11.98 -15.10 -41.33
CA ALA A 382 12.95 -14.99 -40.23
C ALA A 382 12.32 -14.33 -39.01
N ASN A 383 11.49 -13.30 -39.23
CA ASN A 383 10.96 -12.50 -38.14
C ASN A 383 9.69 -13.08 -37.52
N ILE A 384 9.05 -14.06 -38.15
CA ILE A 384 7.84 -14.66 -37.61
C ILE A 384 8.07 -16.08 -37.12
N TYR A 385 8.87 -16.87 -37.84
CA TYR A 385 9.13 -18.25 -37.45
C TYR A 385 10.52 -18.44 -36.88
N LEU A 386 11.57 -18.03 -37.60
CA LEU A 386 12.93 -18.33 -37.19
C LEU A 386 13.27 -17.67 -35.86
N ALA A 387 13.27 -16.34 -35.82
CA ALA A 387 13.66 -15.64 -34.60
C ALA A 387 12.73 -15.93 -33.43
N PRO A 388 11.40 -15.85 -33.55
CA PRO A 388 10.55 -16.18 -32.39
C PRO A 388 10.73 -17.59 -31.87
N LEU A 389 10.80 -18.58 -32.77
CA LEU A 389 10.98 -19.95 -32.32
C LEU A 389 12.34 -20.15 -31.67
N SER A 390 13.39 -19.55 -32.25
CA SER A 390 14.72 -19.65 -31.65
C SER A 390 14.73 -19.05 -30.25
N LEU A 391 14.14 -17.86 -30.09
CA LEU A 391 14.09 -17.23 -28.79
C LEU A 391 13.31 -18.08 -27.80
N ILE A 392 12.15 -18.58 -28.21
CA ILE A 392 11.30 -19.36 -27.31
C ILE A 392 12.03 -20.63 -26.86
N VAL A 393 12.63 -21.34 -27.81
CA VAL A 393 13.31 -22.59 -27.47
C VAL A 393 14.54 -22.32 -26.61
N ILE A 394 15.24 -21.22 -26.87
CA ILE A 394 16.43 -20.90 -26.07
C ILE A 394 16.05 -20.60 -24.63
N MET A 395 15.05 -19.73 -24.43
CA MET A 395 14.65 -19.41 -23.06
C MET A 395 14.03 -20.61 -22.35
N TYR A 396 13.28 -21.46 -23.08
CA TYR A 396 12.72 -22.62 -22.42
C TYR A 396 13.79 -23.64 -22.06
N GLY A 397 14.83 -23.78 -22.91
CA GLY A 397 15.95 -24.62 -22.54
C GLY A 397 16.69 -24.10 -21.33
N ARG A 398 16.90 -22.79 -21.27
CA ARG A 398 17.52 -22.20 -20.09
C ARG A 398 16.67 -22.42 -18.85
N ILE A 399 15.35 -22.29 -18.98
CA ILE A 399 14.46 -22.53 -17.85
C ILE A 399 14.59 -23.97 -17.37
N GLY A 400 14.59 -24.92 -18.30
CA GLY A 400 14.74 -26.32 -17.91
C GLY A 400 16.08 -26.60 -17.25
N ILE A 401 17.15 -26.03 -17.80
CA ILE A 401 18.48 -26.25 -17.24
C ILE A 401 18.57 -25.68 -15.82
N SER A 402 18.09 -24.45 -15.64
CA SER A 402 18.13 -23.84 -14.32
C SER A 402 17.21 -24.57 -13.34
N LEU A 403 16.12 -25.14 -13.85
CA LEU A 403 15.19 -25.85 -12.98
C LEU A 403 15.73 -27.20 -12.55
N PHE A 404 16.52 -27.86 -13.40
CA PHE A 404 17.09 -29.14 -13.01
C PHE A 404 18.18 -29.01 -11.95
N ARG A 405 18.69 -27.81 -11.70
CA ARG A 405 19.68 -27.60 -10.64
C ARG A 405 19.01 -27.49 -9.28
N SER A 423 11.55 -32.26 -8.69
CA SER A 423 10.38 -32.68 -7.92
C SER A 423 9.33 -33.29 -8.82
N ARG A 424 8.23 -33.77 -8.23
CA ARG A 424 7.16 -34.38 -9.00
C ARG A 424 6.50 -33.38 -9.94
N LYS A 425 6.22 -32.17 -9.45
CA LYS A 425 5.49 -31.20 -10.24
C LYS A 425 6.39 -30.43 -11.19
N LYS A 426 7.70 -30.36 -10.89
CA LYS A 426 8.63 -29.69 -11.79
C LYS A 426 8.71 -30.40 -13.13
N GLN A 427 8.64 -31.73 -13.12
CA GLN A 427 8.60 -32.50 -14.36
C GLN A 427 7.40 -32.09 -15.20
N LYS A 428 6.27 -31.80 -14.55
CA LYS A 428 5.12 -31.29 -15.27
C LYS A 428 5.44 -29.96 -15.96
N ILE A 429 6.20 -29.09 -15.28
CA ILE A 429 6.55 -27.80 -15.86
C ILE A 429 7.42 -27.97 -17.09
N ILE A 430 8.46 -28.80 -16.99
CA ILE A 430 9.36 -28.97 -18.14
C ILE A 430 8.62 -29.67 -19.28
N LYS A 431 7.74 -30.62 -18.95
CA LYS A 431 6.95 -31.29 -19.98
C LYS A 431 6.03 -30.30 -20.69
N MET A 432 5.39 -29.40 -19.94
CA MET A 432 4.53 -28.40 -20.55
C MET A 432 5.33 -27.46 -21.45
N LEU A 433 6.52 -27.06 -21.01
CA LEU A 433 7.34 -26.19 -21.84
C LEU A 433 7.75 -26.89 -23.14
N LEU A 434 8.14 -28.16 -23.05
CA LEU A 434 8.49 -28.92 -24.25
C LEU A 434 7.28 -29.05 -25.17
N ILE A 435 6.09 -29.29 -24.60
CA ILE A 435 4.89 -29.41 -25.41
C ILE A 435 4.62 -28.10 -26.15
N VAL A 436 4.72 -26.97 -25.45
CA VAL A 436 4.45 -25.68 -26.07
C VAL A 436 5.45 -25.42 -27.20
N ALA A 437 6.73 -25.68 -26.95
CA ALA A 437 7.74 -25.43 -27.98
C ALA A 437 7.52 -26.33 -29.19
N LEU A 438 7.26 -27.61 -28.97
CA LEU A 438 7.04 -28.53 -30.08
C LEU A 438 5.77 -28.17 -30.84
N LEU A 439 4.74 -27.70 -30.14
CA LEU A 439 3.53 -27.24 -30.82
C LEU A 439 3.85 -26.05 -31.73
N PHE A 440 4.60 -25.08 -31.21
CA PHE A 440 4.93 -23.92 -32.03
C PHE A 440 5.79 -24.29 -33.22
N ILE A 441 6.62 -25.33 -33.09
CA ILE A 441 7.35 -25.83 -34.25
C ILE A 441 6.40 -26.44 -35.25
N LEU A 442 5.66 -27.49 -34.82
CA LEU A 442 4.95 -28.34 -35.77
C LEU A 442 3.79 -27.62 -36.43
N SER A 443 3.01 -26.83 -35.66
CA SER A 443 1.82 -26.21 -36.23
C SER A 443 2.19 -25.22 -37.32
N TRP A 444 3.23 -24.43 -37.12
CA TRP A 444 3.62 -23.41 -38.09
C TRP A 444 4.62 -23.92 -39.12
N LEU A 445 5.15 -25.13 -38.96
CA LEU A 445 6.10 -25.65 -39.95
C LEU A 445 5.52 -25.78 -41.35
N PRO A 446 4.37 -26.43 -41.58
CA PRO A 446 3.95 -26.67 -42.97
C PRO A 446 3.60 -25.41 -43.74
N LEU A 447 3.00 -24.42 -43.08
CA LEU A 447 2.64 -23.19 -43.79
C LEU A 447 3.86 -22.49 -44.32
N TRP A 448 4.87 -22.29 -43.47
CA TRP A 448 6.10 -21.66 -43.91
C TRP A 448 6.87 -22.54 -44.88
N THR A 449 6.75 -23.86 -44.75
CA THR A 449 7.39 -24.75 -45.70
C THR A 449 6.81 -24.58 -47.09
N LEU A 450 5.48 -24.54 -47.19
CA LEU A 450 4.83 -24.33 -48.49
C LEU A 450 5.16 -22.95 -49.04
N MET A 451 5.19 -21.93 -48.17
CA MET A 451 5.61 -20.61 -48.60
C MET A 451 7.01 -20.62 -49.19
N MET A 452 7.94 -21.27 -48.49
CA MET A 452 9.33 -21.34 -48.95
C MET A 452 9.43 -22.06 -50.28
N LEU A 453 8.72 -23.18 -50.41
CA LEU A 453 8.78 -23.96 -51.65
C LEU A 453 8.14 -23.25 -52.82
N SER A 454 7.03 -22.54 -52.60
CA SER A 454 6.36 -21.81 -53.67
C SER A 454 7.03 -20.49 -54.00
N ASP A 455 7.92 -20.01 -53.14
CA ASP A 455 8.65 -18.79 -53.44
C ASP A 455 9.90 -19.07 -54.27
N TYR A 456 10.80 -19.92 -53.77
CA TYR A 456 12.01 -20.28 -54.47
C TYR A 456 11.80 -21.54 -55.30
N ALA A 457 12.90 -22.12 -55.76
CA ALA A 457 12.92 -23.38 -56.52
C ALA A 457 12.19 -23.16 -57.85
N ASP A 458 11.66 -24.23 -58.43
CA ASP A 458 10.97 -24.15 -59.72
C ASP A 458 9.87 -25.22 -59.71
N LEU A 459 8.64 -24.78 -59.51
CA LEU A 459 7.48 -25.66 -59.46
C LEU A 459 6.66 -25.50 -60.72
N SER A 460 6.31 -26.62 -61.36
CA SER A 460 5.51 -26.56 -62.57
C SER A 460 4.09 -26.10 -62.23
N PRO A 461 3.37 -25.54 -63.22
CA PRO A 461 2.02 -25.03 -62.93
C PRO A 461 1.08 -26.07 -62.35
N ASN A 462 1.16 -27.34 -62.80
CA ASN A 462 0.27 -28.36 -62.26
C ASN A 462 0.55 -28.62 -60.78
N GLU A 463 1.82 -28.76 -60.41
CA GLU A 463 2.18 -28.96 -59.01
C GLU A 463 1.79 -27.76 -58.17
N LEU A 464 2.01 -26.55 -58.69
CA LEU A 464 1.60 -25.35 -57.95
C LEU A 464 0.10 -25.32 -57.72
N GLN A 465 -0.68 -25.65 -58.76
CA GLN A 465 -2.12 -25.69 -58.61
C GLN A 465 -2.55 -26.71 -57.57
N ILE A 466 -1.98 -27.92 -57.64
CA ILE A 466 -2.42 -28.98 -56.73
C ILE A 466 -2.03 -28.64 -55.29
N ILE A 467 -0.84 -28.09 -55.07
CA ILE A 467 -0.44 -27.75 -53.70
C ILE A 467 -1.32 -26.64 -53.17
N ASN A 468 -1.58 -25.61 -53.99
CA ASN A 468 -2.37 -24.46 -53.55
C ASN A 468 -3.80 -24.89 -53.21
N ILE A 469 -4.38 -25.81 -53.98
CA ILE A 469 -5.75 -26.22 -53.71
C ILE A 469 -5.89 -27.36 -52.71
N TYR A 470 -4.79 -28.02 -52.35
CA TYR A 470 -4.90 -29.16 -51.44
C TYR A 470 -4.24 -28.94 -50.08
N ILE A 471 -2.94 -28.61 -50.05
CA ILE A 471 -2.22 -28.67 -48.78
C ILE A 471 -2.09 -27.28 -48.16
N TYR A 472 -2.18 -26.24 -48.98
CA TYR A 472 -2.16 -24.89 -48.43
C TYR A 472 -3.33 -24.64 -47.48
N PRO A 473 -4.59 -25.01 -47.81
CA PRO A 473 -5.65 -24.93 -46.79
C PRO A 473 -5.36 -25.77 -45.57
N PHE A 474 -4.70 -26.92 -45.73
CA PHE A 474 -4.32 -27.72 -44.56
C PHE A 474 -3.33 -26.98 -43.68
N ALA A 475 -2.37 -26.29 -44.29
CA ALA A 475 -1.43 -25.48 -43.52
C ALA A 475 -2.13 -24.37 -42.78
N HIS A 476 -3.08 -23.70 -43.45
CA HIS A 476 -3.86 -22.66 -42.78
C HIS A 476 -4.66 -23.25 -41.63
N TRP A 477 -5.22 -24.44 -41.82
CA TRP A 477 -5.96 -25.11 -40.76
C TRP A 477 -5.06 -25.39 -39.56
N LEU A 478 -3.83 -25.84 -39.81
CA LEU A 478 -2.89 -26.08 -38.71
C LEU A 478 -2.55 -24.79 -37.98
N ALA A 479 -2.29 -23.71 -38.72
CA ALA A 479 -1.95 -22.45 -38.07
C ALA A 479 -3.12 -21.92 -37.24
N PHE A 480 -4.34 -22.00 -37.77
CA PHE A 480 -5.50 -21.54 -37.03
C PHE A 480 -5.78 -22.44 -35.84
N GLY A 481 -5.51 -23.74 -35.95
CA GLY A 481 -5.61 -24.60 -34.80
C GLY A 481 -4.63 -24.23 -33.71
N ASN A 482 -3.41 -23.84 -34.10
CA ASN A 482 -2.45 -23.34 -33.13
C ASN A 482 -2.98 -22.09 -32.45
N SER A 483 -3.54 -21.17 -33.23
CA SER A 483 -4.08 -19.94 -32.63
C SER A 483 -5.27 -20.21 -31.74
N SER A 484 -6.03 -21.27 -32.02
CA SER A 484 -7.20 -21.60 -31.22
C SER A 484 -6.84 -22.41 -29.98
N VAL A 485 -5.74 -23.14 -30.02
CA VAL A 485 -5.31 -23.93 -28.86
C VAL A 485 -4.35 -23.17 -27.97
N ASN A 486 -3.80 -22.04 -28.43
CA ASN A 486 -3.01 -21.19 -27.54
C ASN A 486 -3.76 -20.77 -26.28
N PRO A 487 -4.96 -20.17 -26.36
CA PRO A 487 -5.64 -19.82 -25.11
C PRO A 487 -6.09 -21.04 -24.33
N ILE A 488 -6.37 -22.16 -24.99
CA ILE A 488 -6.75 -23.37 -24.28
C ILE A 488 -5.67 -23.76 -23.29
N ILE A 489 -4.43 -23.94 -23.76
CA ILE A 489 -3.36 -24.35 -22.86
C ILE A 489 -2.98 -23.22 -21.91
N TYR A 490 -2.91 -21.99 -22.41
CA TYR A 490 -2.47 -20.89 -21.55
C TYR A 490 -3.51 -20.46 -20.53
N GLY A 491 -4.73 -21.01 -20.58
CA GLY A 491 -5.72 -20.71 -19.58
C GLY A 491 -6.10 -21.91 -18.74
N PHE A 492 -5.99 -23.11 -19.28
CA PHE A 492 -6.33 -24.30 -18.52
C PHE A 492 -5.10 -24.88 -17.82
N PHE A 493 -3.99 -25.03 -18.55
CA PHE A 493 -2.77 -25.51 -17.93
C PHE A 493 -2.15 -24.46 -17.02
N ASN A 494 -2.59 -23.20 -17.13
CA ASN A 494 -2.15 -22.17 -16.21
C ASN A 494 -2.83 -22.37 -14.86
N GLU A 495 -2.03 -22.55 -13.81
CA GLU A 495 -2.57 -23.03 -12.54
C GLU A 495 -3.31 -21.95 -11.76
N ASN A 496 -2.85 -20.70 -11.83
CA ASN A 496 -3.56 -19.67 -11.07
C ASN A 496 -4.88 -19.28 -11.70
N PHE A 497 -5.15 -19.74 -12.93
CA PHE A 497 -6.49 -19.60 -13.51
C PHE A 497 -7.46 -20.62 -12.94
N ARG A 498 -6.97 -21.76 -12.48
CA ARG A 498 -7.81 -22.85 -12.01
C ARG A 498 -8.34 -22.63 -10.59
N ARG A 499 -8.22 -21.41 -10.06
CA ARG A 499 -8.68 -21.14 -8.70
C ARG A 499 -10.20 -21.29 -8.58
N GLN B 12 -2.40 -24.28 50.25
CA GLN B 12 -2.61 -24.65 51.64
C GLN B 12 -3.98 -24.18 52.12
N SER B 13 -4.17 -24.21 53.45
CA SER B 13 -5.45 -23.79 54.02
C SER B 13 -5.70 -22.31 53.76
N GLU B 14 -4.68 -21.48 53.93
CA GLU B 14 -4.85 -20.04 53.72
C GLU B 14 -5.18 -19.73 52.27
N LEU B 15 -4.53 -20.41 51.32
CA LEU B 15 -4.81 -20.17 49.91
C LEU B 15 -6.24 -20.56 49.57
N ASP B 16 -6.70 -21.71 50.07
CA ASP B 16 -8.07 -22.13 49.81
C ASP B 16 -9.08 -21.18 50.44
N GLN B 17 -8.79 -20.71 51.66
CA GLN B 17 -9.69 -19.74 52.31
C GLN B 17 -9.76 -18.45 51.52
N LEU B 18 -8.62 -17.96 51.02
CA LEU B 18 -8.63 -16.76 50.19
C LEU B 18 -9.38 -16.97 48.90
N ARG B 19 -9.23 -18.15 48.28
CA ARG B 19 -9.96 -18.46 47.06
C ARG B 19 -11.47 -18.47 47.31
N GLN B 20 -11.90 -19.07 48.42
CA GLN B 20 -13.31 -19.06 48.76
C GLN B 20 -13.80 -17.65 49.04
N GLU B 21 -12.98 -16.83 49.70
CA GLU B 21 -13.37 -15.46 49.98
C GLU B 21 -13.56 -14.68 48.68
N ALA B 22 -12.63 -14.84 47.74
CA ALA B 22 -12.74 -14.18 46.45
C ALA B 22 -13.96 -14.67 45.68
N GLU B 23 -14.25 -15.96 45.77
CA GLU B 23 -15.49 -16.48 45.17
C GLU B 23 -16.70 -15.82 45.80
N GLN B 24 -16.65 -15.57 47.11
CA GLN B 24 -17.76 -14.89 47.78
C GLN B 24 -17.95 -13.48 47.26
N LEU B 25 -16.85 -12.74 47.08
CA LEU B 25 -16.98 -11.42 46.46
C LEU B 25 -17.51 -11.50 45.04
N LYS B 26 -17.08 -12.49 44.26
CA LYS B 26 -17.60 -12.63 42.90
C LYS B 26 -19.10 -12.87 42.91
N ASN B 27 -19.56 -13.76 43.80
CA ASN B 27 -20.99 -14.03 43.91
C ASN B 27 -21.75 -12.79 44.35
N GLN B 28 -21.20 -12.04 45.31
CA GLN B 28 -21.87 -10.84 45.79
C GLN B 28 -21.98 -9.79 44.68
N ILE B 29 -20.91 -9.61 43.90
CA ILE B 29 -20.94 -8.66 42.81
C ILE B 29 -21.96 -9.08 41.75
N ARG B 30 -21.99 -10.38 41.43
CA ARG B 30 -22.97 -10.87 40.46
C ARG B 30 -24.39 -10.66 40.96
N ASP B 31 -24.63 -10.91 42.25
CA ASP B 31 -25.96 -10.69 42.82
C ASP B 31 -26.35 -9.22 42.79
N ALA B 32 -25.39 -8.33 43.07
CA ALA B 32 -25.67 -6.90 42.98
C ALA B 32 -26.04 -6.50 41.56
N ARG B 33 -25.27 -6.97 40.57
CA ARG B 33 -25.57 -6.65 39.19
C ARG B 33 -26.94 -7.17 38.79
N LYS B 34 -27.30 -8.37 39.24
CA LYS B 34 -28.64 -8.89 38.99
C LYS B 34 -29.71 -8.03 39.67
N ALA B 35 -29.42 -7.55 40.88
CA ALA B 35 -30.39 -6.73 41.60
C ALA B 35 -30.67 -5.43 40.87
N CYS B 36 -29.62 -4.77 40.36
CA CYS B 36 -29.86 -3.55 39.60
C CYS B 36 -30.44 -3.81 38.21
N ALA B 37 -30.50 -5.07 37.78
CA ALA B 37 -31.03 -5.41 36.46
C ALA B 37 -32.54 -5.58 36.56
N ASP B 38 -33.28 -4.54 36.18
CA ASP B 38 -34.73 -4.58 36.18
C ASP B 38 -35.31 -4.72 34.77
N ALA B 39 -34.92 -3.84 33.86
CA ALA B 39 -35.38 -3.88 32.47
C ALA B 39 -34.18 -3.73 31.54
N THR B 40 -34.10 -4.62 30.56
CA THR B 40 -33.00 -4.57 29.60
C THR B 40 -33.16 -3.35 28.68
N LEU B 41 -32.01 -2.81 28.25
CA LEU B 41 -32.00 -1.64 27.38
C LEU B 41 -32.75 -1.86 26.08
N SER B 42 -32.93 -3.12 25.65
CA SER B 42 -33.72 -3.39 24.46
C SER B 42 -35.18 -2.97 24.67
N GLN B 43 -35.74 -3.27 25.85
CA GLN B 43 -37.14 -2.95 26.11
C GLN B 43 -37.37 -1.44 26.18
N ILE B 44 -36.45 -0.70 26.78
CA ILE B 44 -36.65 0.75 26.93
C ILE B 44 -36.69 1.44 25.58
N THR B 45 -35.82 1.02 24.66
CA THR B 45 -35.77 1.61 23.32
C THR B 45 -36.68 0.92 22.32
N ASN B 46 -37.52 -0.01 22.78
CA ASN B 46 -38.42 -0.71 21.87
C ASN B 46 -39.44 0.22 21.22
N ASN B 47 -39.70 1.37 21.81
CA ASN B 47 -40.68 2.31 21.29
C ASN B 47 -40.06 3.41 20.42
N ILE B 48 -38.73 3.48 20.33
CA ILE B 48 -38.11 4.55 19.57
C ILE B 48 -38.10 4.19 18.09
N ASP B 49 -38.03 5.23 17.26
CA ASP B 49 -38.05 5.03 15.82
C ASP B 49 -36.72 4.45 15.36
N PRO B 50 -36.72 3.32 14.65
CA PRO B 50 -35.46 2.77 14.15
C PRO B 50 -34.84 3.68 13.10
N VAL B 51 -33.51 3.66 13.06
CA VAL B 51 -32.81 4.41 12.02
C VAL B 51 -33.07 3.75 10.66
N GLY B 52 -32.89 4.53 9.61
CA GLY B 52 -33.12 4.02 8.28
C GLY B 52 -32.04 3.06 7.82
N ARG B 53 -31.83 2.96 6.52
CA ARG B 53 -30.74 2.17 5.97
C ARG B 53 -29.55 3.09 5.75
N ILE B 54 -28.54 2.97 6.62
CA ILE B 54 -27.35 3.79 6.49
C ILE B 54 -26.61 3.38 5.23
N GLN B 55 -26.31 4.35 4.37
CA GLN B 55 -25.79 4.09 3.03
C GLN B 55 -24.53 4.91 2.78
N MET B 56 -23.59 4.86 3.71
CA MET B 56 -22.32 5.54 3.51
C MET B 56 -21.60 4.97 2.30
N ARG B 57 -20.92 5.84 1.56
CA ARG B 57 -20.18 5.45 0.38
C ARG B 57 -18.78 6.06 0.42
N THR B 58 -17.85 5.43 -0.28
CA THR B 58 -16.46 5.85 -0.24
C THR B 58 -16.30 7.22 -0.89
N ARG B 59 -15.80 8.18 -0.14
CA ARG B 59 -15.53 9.51 -0.67
C ARG B 59 -14.09 9.71 -1.07
N ARG B 60 -13.15 9.08 -0.35
CA ARG B 60 -11.73 9.17 -0.68
C ARG B 60 -11.08 7.82 -0.46
N THR B 61 -10.05 7.54 -1.25
CA THR B 61 -9.23 6.36 -1.09
C THR B 61 -7.79 6.81 -0.93
N LEU B 62 -7.17 6.46 0.19
CA LEU B 62 -5.82 6.88 0.52
C LEU B 62 -4.85 5.76 0.16
N ARG B 63 -4.13 5.94 -0.94
CA ARG B 63 -3.17 4.95 -1.42
C ARG B 63 -1.75 5.43 -1.17
N GLY B 64 -0.84 4.48 -1.03
CA GLY B 64 0.55 4.81 -0.75
C GLY B 64 1.20 3.85 0.21
N HIS B 65 0.41 3.21 1.05
CA HIS B 65 0.93 2.16 1.92
C HIS B 65 1.11 0.88 1.11
N LEU B 66 2.20 0.17 1.40
CA LEU B 66 2.56 -1.02 0.63
C LEU B 66 2.50 -2.29 1.47
N ALA B 67 1.83 -2.25 2.62
CA ALA B 67 1.66 -3.43 3.46
C ALA B 67 0.39 -3.26 4.27
N LYS B 68 0.10 -4.25 5.11
CA LYS B 68 -1.14 -4.24 5.88
C LYS B 68 -1.16 -3.07 6.86
N ILE B 69 -2.21 -2.26 6.78
CA ILE B 69 -2.39 -1.15 7.69
C ILE B 69 -2.93 -1.69 9.01
N TYR B 70 -2.28 -1.33 10.11
CA TYR B 70 -2.62 -1.88 11.42
C TYR B 70 -3.32 -0.89 12.34
N ALA B 71 -3.14 0.41 12.14
CA ALA B 71 -3.79 1.38 13.00
C ALA B 71 -3.93 2.70 12.27
N MET B 72 -4.96 3.46 12.66
CA MET B 72 -5.15 4.83 12.20
C MET B 72 -5.75 5.64 13.33
N HIS B 73 -5.55 6.96 13.28
CA HIS B 73 -6.11 7.85 14.28
C HIS B 73 -6.37 9.20 13.65
N TRP B 74 -7.55 9.75 13.92
CA TRP B 74 -7.91 11.07 13.41
C TRP B 74 -7.30 12.17 14.27
N GLY B 75 -6.94 13.26 13.62
CA GLY B 75 -6.61 14.47 14.35
C GLY B 75 -7.84 15.16 14.87
N THR B 76 -7.64 16.03 15.86
CA THR B 76 -8.77 16.72 16.47
C THR B 76 -9.41 17.74 15.54
N ASP B 77 -8.77 18.11 14.44
CA ASP B 77 -9.38 19.01 13.48
C ASP B 77 -10.27 18.30 12.48
N SER B 78 -10.38 16.97 12.58
CA SER B 78 -11.22 16.16 11.68
C SER B 78 -10.77 16.25 10.23
N ARG B 79 -9.53 16.62 10.00
CA ARG B 79 -8.99 16.71 8.65
C ARG B 79 -7.72 15.91 8.46
N LEU B 80 -6.84 15.89 9.45
CA LEU B 80 -5.57 15.18 9.37
C LEU B 80 -5.69 13.86 10.11
N LEU B 81 -5.16 12.79 9.50
CA LEU B 81 -5.14 11.48 10.12
C LEU B 81 -3.78 10.84 9.88
N VAL B 82 -3.40 9.95 10.80
CA VAL B 82 -2.14 9.23 10.73
C VAL B 82 -2.45 7.74 10.63
N SER B 83 -1.61 7.01 9.91
CA SER B 83 -1.78 5.58 9.74
C SER B 83 -0.43 4.89 9.78
N ALA B 84 -0.42 3.68 10.32
CA ALA B 84 0.77 2.84 10.40
C ALA B 84 0.49 1.53 9.68
N SER B 85 1.44 1.07 8.86
CA SER B 85 1.12 -0.04 7.97
C SER B 85 2.23 -1.07 7.87
N GLN B 86 3.04 -1.22 8.92
CA GLN B 86 3.99 -2.34 9.01
C GLN B 86 4.95 -2.43 7.83
N ASP B 87 5.03 -1.38 7.03
CA ASP B 87 6.11 -1.25 6.04
C ASP B 87 7.15 -0.25 6.49
N GLY B 88 7.21 0.03 7.78
CA GLY B 88 8.12 1.02 8.33
C GLY B 88 7.80 2.44 7.93
N LYS B 89 6.51 2.78 7.85
CA LYS B 89 6.09 4.11 7.46
C LYS B 89 4.93 4.58 8.31
N LEU B 90 5.00 5.84 8.73
CA LEU B 90 3.91 6.53 9.41
C LEU B 90 3.51 7.70 8.52
N ILE B 91 2.36 7.59 7.87
CA ILE B 91 1.91 8.58 6.91
C ILE B 91 0.84 9.44 7.56
N ILE B 92 0.96 10.75 7.40
CA ILE B 92 -0.05 11.71 7.85
C ILE B 92 -0.75 12.26 6.62
N TRP B 93 -2.05 12.03 6.54
CA TRP B 93 -2.83 12.36 5.35
C TRP B 93 -3.64 13.63 5.55
N ASP B 94 -3.84 14.35 4.46
CA ASP B 94 -4.84 15.42 4.40
C ASP B 94 -6.08 14.80 3.80
N SER B 95 -7.02 14.39 4.65
CA SER B 95 -8.17 13.63 4.18
C SER B 95 -9.05 14.41 3.21
N TYR B 96 -9.03 15.74 3.27
CA TYR B 96 -9.84 16.53 2.35
C TYR B 96 -9.31 16.42 0.92
N THR B 97 -7.99 16.40 0.75
CA THR B 97 -7.36 16.41 -0.57
C THR B 97 -6.54 15.16 -0.86
N THR B 98 -6.49 14.19 0.06
CA THR B 98 -5.68 12.97 -0.07
C THR B 98 -4.20 13.27 -0.20
N ASN B 99 -3.78 14.48 0.14
CA ASN B 99 -2.36 14.83 0.12
C ASN B 99 -1.65 14.19 1.30
N LYS B 100 -0.38 13.82 1.08
CA LYS B 100 0.46 13.26 2.13
C LYS B 100 1.23 14.40 2.78
N VAL B 101 0.86 14.73 4.02
CA VAL B 101 1.56 15.79 4.73
C VAL B 101 2.95 15.34 5.16
N HIS B 102 3.06 14.13 5.70
CA HIS B 102 4.33 13.61 6.20
C HIS B 102 4.42 12.12 5.90
N ALA B 103 5.65 11.62 5.89
CA ALA B 103 5.93 10.19 5.79
C ALA B 103 7.09 9.89 6.71
N ILE B 104 6.80 9.32 7.88
CA ILE B 104 7.78 9.13 8.94
C ILE B 104 8.34 7.71 8.84
N PRO B 105 9.63 7.52 8.58
CA PRO B 105 10.20 6.17 8.58
C PRO B 105 10.42 5.69 10.01
N LEU B 106 9.97 4.47 10.29
CA LEU B 106 10.05 3.89 11.62
C LEU B 106 11.30 3.04 11.74
N ARG B 107 11.94 3.10 12.92
CA ARG B 107 13.10 2.26 13.18
C ARG B 107 12.72 0.79 13.15
N SER B 108 11.57 0.45 13.72
CA SER B 108 11.03 -0.91 13.71
C SER B 108 9.79 -0.93 12.85
N SER B 109 9.76 -1.81 11.86
CA SER B 109 8.66 -1.89 10.91
C SER B 109 7.52 -2.78 11.39
N TRP B 110 7.52 -3.15 12.68
CA TRP B 110 6.50 -4.03 13.25
C TRP B 110 5.49 -3.25 14.07
N VAL B 111 5.12 -2.07 13.61
CA VAL B 111 4.22 -1.18 14.35
C VAL B 111 2.84 -1.81 14.43
N MET B 112 2.25 -1.79 15.62
CA MET B 112 0.92 -2.34 15.84
C MET B 112 -0.11 -1.30 16.23
N THR B 113 0.29 -0.07 16.56
CA THR B 113 -0.63 0.97 16.95
C THR B 113 -0.05 2.33 16.61
N CYS B 114 -0.93 3.32 16.50
CA CYS B 114 -0.52 4.69 16.26
C CYS B 114 -1.51 5.63 16.93
N ALA B 115 -1.04 6.81 17.30
CA ALA B 115 -1.87 7.80 17.97
C ALA B 115 -1.55 9.19 17.45
N TYR B 116 -2.53 10.07 17.55
CA TYR B 116 -2.39 11.47 17.17
C TYR B 116 -2.67 12.32 18.40
N ALA B 117 -1.74 13.21 18.72
CA ALA B 117 -1.91 14.07 19.89
C ALA B 117 -3.08 15.02 19.66
N PRO B 118 -3.88 15.29 20.68
CA PRO B 118 -5.00 16.23 20.50
C PRO B 118 -4.55 17.62 20.08
N SER B 119 -3.35 18.03 20.48
CA SER B 119 -2.82 19.32 20.02
C SER B 119 -2.35 19.26 18.58
N GLY B 120 -2.07 18.07 18.05
CA GLY B 120 -1.59 17.91 16.70
C GLY B 120 -0.10 18.07 16.53
N ASN B 121 0.66 18.27 17.61
CA ASN B 121 2.09 18.47 17.52
C ASN B 121 2.88 17.16 17.57
N TYR B 122 2.27 16.06 17.96
CA TYR B 122 2.99 14.81 18.13
C TYR B 122 2.16 13.64 17.59
N VAL B 123 2.86 12.59 17.19
CA VAL B 123 2.25 11.30 16.91
C VAL B 123 3.06 10.23 17.62
N ALA B 124 2.40 9.12 17.94
CA ALA B 124 3.05 8.02 18.61
C ALA B 124 2.81 6.73 17.86
N CYS B 125 3.71 5.77 18.03
CA CYS B 125 3.58 4.48 17.38
C CYS B 125 4.37 3.45 18.19
N GLY B 126 4.00 2.19 18.03
CA GLY B 126 4.67 1.12 18.74
C GLY B 126 4.23 -0.22 18.19
N GLY B 127 4.89 -1.26 18.66
CA GLY B 127 4.61 -2.59 18.17
C GLY B 127 5.41 -3.68 18.85
N LEU B 128 5.98 -4.59 18.05
CA LEU B 128 6.70 -5.73 18.59
C LEU B 128 8.02 -5.35 19.25
N ASP B 129 8.47 -4.11 19.11
CA ASP B 129 9.69 -3.67 19.77
C ASP B 129 9.49 -3.26 21.22
N ASN B 130 8.24 -3.32 21.71
CA ASN B 130 7.92 -3.00 23.11
C ASN B 130 8.26 -1.55 23.46
N ILE B 131 8.25 -0.66 22.48
CA ILE B 131 8.64 0.73 22.68
C ILE B 131 7.58 1.62 22.06
N CYS B 132 7.14 2.63 22.80
CA CYS B 132 6.26 3.67 22.29
C CYS B 132 7.13 4.86 21.89
N SER B 133 7.19 5.15 20.60
CA SER B 133 8.04 6.20 20.06
C SER B 133 7.20 7.43 19.77
N ILE B 134 7.62 8.56 20.33
CA ILE B 134 6.94 9.83 20.14
C ILE B 134 7.68 10.63 19.08
N TYR B 135 6.95 11.15 18.10
CA TYR B 135 7.53 11.89 17.00
C TYR B 135 7.06 13.35 17.07
N ASN B 136 8.00 14.27 16.88
CA ASN B 136 7.71 15.69 16.90
C ASN B 136 7.44 16.17 15.48
N LEU B 137 6.25 16.71 15.24
CA LEU B 137 5.88 17.19 13.91
C LEU B 137 6.23 18.66 13.70
N LYS B 138 6.19 19.47 14.75
CA LYS B 138 6.44 20.90 14.65
C LYS B 138 7.87 21.18 15.09
N THR B 139 8.81 21.01 14.16
CA THR B 139 10.21 21.25 14.40
C THR B 139 10.71 22.35 13.46
N ARG B 140 11.68 23.13 13.95
CA ARG B 140 12.26 24.18 13.12
C ARG B 140 13.05 23.63 11.95
N GLU B 141 13.55 22.39 12.05
CA GLU B 141 14.34 21.80 10.99
C GLU B 141 13.51 21.38 9.78
N GLY B 142 12.19 21.31 9.91
CA GLY B 142 11.33 20.93 8.81
C GLY B 142 11.11 19.45 8.66
N ASN B 143 11.77 18.62 9.45
CA ASN B 143 11.59 17.18 9.40
C ASN B 143 10.97 16.69 10.70
N VAL B 144 10.51 15.44 10.69
CA VAL B 144 9.91 14.82 11.86
C VAL B 144 10.97 14.02 12.58
N ARG B 145 11.23 14.36 13.84
CA ARG B 145 12.23 13.70 14.66
C ARG B 145 11.56 12.92 15.77
N VAL B 146 12.28 11.93 16.28
CA VAL B 146 11.81 11.13 17.40
C VAL B 146 12.04 11.93 18.68
N SER B 147 10.97 12.42 19.27
CA SER B 147 11.09 13.22 20.49
C SER B 147 11.50 12.34 21.68
N ARG B 148 10.94 11.15 21.79
CA ARG B 148 11.20 10.28 22.92
C ARG B 148 10.92 8.84 22.51
N GLU B 149 11.64 7.92 23.15
CA GLU B 149 11.42 6.49 22.97
C GLU B 149 11.13 5.89 24.34
N LEU B 150 9.84 5.66 24.61
CA LEU B 150 9.41 5.19 25.93
C LEU B 150 9.62 3.68 26.00
N ALA B 151 10.54 3.25 26.86
CA ALA B 151 10.85 1.84 27.05
C ALA B 151 10.53 1.43 28.48
N GLY B 152 10.21 0.15 28.65
CA GLY B 152 9.85 -0.36 29.96
C GLY B 152 8.79 -1.44 29.90
N HIS B 153 8.07 -1.52 28.79
CA HIS B 153 7.11 -2.59 28.59
C HIS B 153 7.82 -3.87 28.22
N THR B 154 7.39 -4.98 28.81
CA THR B 154 8.01 -6.28 28.55
C THR B 154 7.39 -7.01 27.38
N GLY B 155 6.26 -6.52 26.85
CA GLY B 155 5.60 -7.13 25.72
C GLY B 155 5.33 -6.12 24.63
N TYR B 156 4.76 -6.62 23.53
CA TYR B 156 4.46 -5.77 22.39
C TYR B 156 3.46 -4.69 22.77
N LEU B 157 3.58 -3.53 22.13
CA LEU B 157 2.64 -2.44 22.35
C LEU B 157 1.39 -2.65 21.51
N SER B 158 0.23 -2.62 22.15
CA SER B 158 -1.03 -2.85 21.46
C SER B 158 -1.79 -1.56 21.17
N CYS B 159 -1.75 -0.60 22.08
CA CYS B 159 -2.47 0.66 21.88
C CYS B 159 -1.75 1.75 22.66
N CYS B 160 -1.98 2.99 22.21
CA CYS B 160 -1.44 4.15 22.91
C CYS B 160 -2.33 5.34 22.59
N ARG B 161 -2.57 6.19 23.58
CA ARG B 161 -3.42 7.35 23.42
C ARG B 161 -2.85 8.52 24.20
N PHE B 162 -2.78 9.68 23.57
CA PHE B 162 -2.25 10.87 24.22
C PHE B 162 -3.29 11.46 25.17
N LEU B 163 -2.86 11.75 26.41
CA LEU B 163 -3.69 12.57 27.29
C LEU B 163 -3.50 14.05 26.99
N ASP B 164 -2.24 14.47 26.90
CA ASP B 164 -1.88 15.82 26.47
C ASP B 164 -0.52 15.72 25.77
N ASP B 165 0.14 16.85 25.59
CA ASP B 165 1.44 16.86 24.93
C ASP B 165 2.53 16.19 25.76
N ASN B 166 2.29 15.93 27.04
CA ASN B 166 3.31 15.39 27.92
C ASN B 166 2.90 14.09 28.62
N GLN B 167 1.70 13.57 28.32
CA GLN B 167 1.24 12.35 28.96
C GLN B 167 0.62 11.43 27.93
N ILE B 168 1.00 10.16 27.96
CA ILE B 168 0.45 9.15 27.06
C ILE B 168 0.28 7.86 27.84
N VAL B 169 -0.84 7.16 27.59
CA VAL B 169 -1.14 5.89 28.23
C VAL B 169 -1.03 4.80 27.19
N THR B 170 -0.31 3.73 27.51
CA THR B 170 -0.07 2.64 26.60
C THR B 170 -0.54 1.33 27.19
N SER B 171 -0.98 0.41 26.32
CA SER B 171 -1.34 -0.94 26.70
C SER B 171 -0.40 -1.90 25.98
N SER B 172 0.02 -2.95 26.68
CA SER B 172 1.03 -3.85 26.15
C SER B 172 0.58 -5.29 26.30
N GLY B 173 1.34 -6.19 25.68
CA GLY B 173 1.11 -7.61 25.75
C GLY B 173 1.62 -8.28 27.00
N ASP B 174 2.26 -7.53 27.90
CA ASP B 174 2.68 -8.05 29.20
C ASP B 174 1.59 -7.91 30.25
N THR B 175 0.33 -7.83 29.82
CA THR B 175 -0.83 -7.79 30.72
C THR B 175 -0.82 -6.55 31.62
N THR B 176 -0.22 -5.45 31.15
CA THR B 176 -0.16 -4.22 31.92
C THR B 176 -0.47 -3.03 31.04
N CYS B 177 -0.96 -1.96 31.68
CA CYS B 177 -1.10 -0.66 31.07
C CYS B 177 -0.27 0.33 31.87
N ALA B 178 0.32 1.30 31.18
CA ALA B 178 1.21 2.26 31.82
C ALA B 178 0.87 3.68 31.40
N LEU B 179 1.06 4.61 32.32
CA LEU B 179 0.95 6.04 32.06
C LEU B 179 2.34 6.65 32.09
N TRP B 180 2.72 7.34 31.03
CA TRP B 180 4.08 7.81 30.85
C TRP B 180 4.16 9.33 30.96
N ASP B 181 5.27 9.79 31.53
CA ASP B 181 5.65 11.20 31.46
C ASP B 181 6.64 11.34 30.32
N ILE B 182 6.20 11.94 29.22
CA ILE B 182 6.99 11.95 27.99
C ILE B 182 8.29 12.70 28.19
N GLU B 183 8.24 13.83 28.89
CA GLU B 183 9.45 14.63 29.08
C GLU B 183 10.52 13.85 29.84
N THR B 184 10.15 13.24 30.97
CA THR B 184 11.10 12.46 31.74
C THR B 184 11.36 11.10 31.10
N GLY B 185 10.36 10.54 30.43
CA GLY B 185 10.49 9.24 29.82
C GLY B 185 10.21 8.06 30.72
N GLN B 186 9.73 8.30 31.94
CA GLN B 186 9.52 7.25 32.92
C GLN B 186 8.03 6.94 33.05
N GLN B 187 7.76 5.75 33.61
CA GLN B 187 6.39 5.31 33.84
C GLN B 187 5.86 5.98 35.09
N THR B 188 4.99 6.96 34.92
CA THR B 188 4.38 7.62 36.08
C THR B 188 3.53 6.64 36.89
N THR B 189 2.74 5.82 36.21
CA THR B 189 1.86 4.87 36.86
C THR B 189 1.78 3.60 36.03
N THR B 190 1.68 2.46 36.70
CA THR B 190 1.50 1.17 36.06
C THR B 190 0.15 0.59 36.47
N PHE B 191 -0.63 0.16 35.50
CA PHE B 191 -1.95 -0.43 35.74
C PHE B 191 -1.85 -1.94 35.57
N THR B 192 -1.96 -2.67 36.67
CA THR B 192 -1.87 -4.12 36.66
C THR B 192 -3.17 -4.73 37.13
N GLY B 193 -3.39 -5.98 36.74
CA GLY B 193 -4.59 -6.70 37.13
C GLY B 193 -5.13 -7.59 36.03
N HIS B 194 -4.84 -7.25 34.78
CA HIS B 194 -5.24 -8.11 33.67
C HIS B 194 -4.43 -9.40 33.69
N THR B 195 -5.11 -10.51 33.42
CA THR B 195 -4.44 -11.81 33.35
C THR B 195 -4.09 -12.22 31.93
N GLY B 196 -4.34 -11.36 30.94
CA GLY B 196 -4.00 -11.64 29.57
C GLY B 196 -3.53 -10.39 28.87
N ASP B 197 -3.08 -10.57 27.62
CA ASP B 197 -2.59 -9.46 26.83
C ASP B 197 -3.65 -8.39 26.67
N VAL B 198 -3.29 -7.15 26.99
CA VAL B 198 -4.19 -6.03 26.79
C VAL B 198 -4.08 -5.60 25.33
N MET B 199 -5.21 -5.64 24.62
CA MET B 199 -5.19 -5.43 23.18
C MET B 199 -5.58 -4.03 22.75
N SER B 200 -6.33 -3.30 23.57
CA SER B 200 -6.74 -1.95 23.20
C SER B 200 -7.14 -1.18 24.44
N LEU B 201 -7.17 0.13 24.32
CA LEU B 201 -7.64 1.01 25.37
C LEU B 201 -8.38 2.18 24.74
N SER B 202 -9.25 2.80 25.53
CA SER B 202 -10.00 3.97 25.08
C SER B 202 -10.02 4.99 26.20
N LEU B 203 -9.65 6.23 25.88
CA LEU B 203 -9.65 7.29 26.87
C LEU B 203 -11.04 7.91 26.98
N ALA B 204 -11.43 8.24 28.21
CA ALA B 204 -12.68 8.93 28.43
C ALA B 204 -12.60 10.35 27.87
N PRO B 205 -13.73 10.96 27.54
CA PRO B 205 -13.69 12.33 27.01
C PRO B 205 -13.01 13.33 27.93
N ASP B 206 -13.15 13.18 29.24
CA ASP B 206 -12.50 14.07 30.20
C ASP B 206 -11.08 13.65 30.53
N THR B 207 -10.60 12.54 29.98
CA THR B 207 -9.27 12.00 30.22
C THR B 207 -9.01 11.70 31.70
N ARG B 208 -10.06 11.57 32.49
CA ARG B 208 -9.95 11.20 33.89
C ARG B 208 -10.02 9.70 34.11
N LEU B 209 -10.40 8.94 33.08
CA LEU B 209 -10.57 7.49 33.17
C LEU B 209 -10.25 6.89 31.81
N PHE B 210 -10.00 5.59 31.79
CA PHE B 210 -9.85 4.88 30.53
C PHE B 210 -10.15 3.40 30.76
N VAL B 211 -10.68 2.77 29.72
CA VAL B 211 -11.02 1.36 29.75
C VAL B 211 -10.01 0.60 28.90
N SER B 212 -9.73 -0.63 29.29
CA SER B 212 -8.81 -1.49 28.56
C SER B 212 -9.43 -2.87 28.38
N GLY B 213 -9.32 -3.40 27.16
CA GLY B 213 -9.81 -4.73 26.84
C GLY B 213 -8.63 -5.67 26.63
N ALA B 214 -8.65 -6.80 27.33
CA ALA B 214 -7.55 -7.74 27.33
C ALA B 214 -7.98 -9.08 26.74
N CYS B 215 -6.99 -9.96 26.60
CA CYS B 215 -7.22 -11.29 26.04
C CYS B 215 -7.88 -12.25 27.02
N ASP B 216 -8.04 -11.85 28.28
CA ASP B 216 -8.73 -12.68 29.26
C ASP B 216 -10.24 -12.53 29.19
N ALA B 217 -10.76 -12.03 28.08
CA ALA B 217 -12.19 -11.84 27.86
C ALA B 217 -12.82 -10.93 28.91
N SER B 218 -12.07 -9.94 29.36
CA SER B 218 -12.55 -9.00 30.36
C SER B 218 -12.10 -7.59 30.01
N ALA B 219 -12.86 -6.61 30.47
CA ALA B 219 -12.54 -5.20 30.31
C ALA B 219 -12.49 -4.55 31.68
N LYS B 220 -11.54 -3.64 31.87
CA LYS B 220 -11.32 -3.01 33.16
C LYS B 220 -11.32 -1.50 33.00
N LEU B 221 -11.88 -0.82 34.00
CA LEU B 221 -11.93 0.64 34.05
C LEU B 221 -10.90 1.12 35.06
N TRP B 222 -10.01 2.01 34.62
CA TRP B 222 -8.90 2.48 35.44
C TRP B 222 -9.06 3.97 35.74
N ASP B 223 -8.62 4.37 36.92
CA ASP B 223 -8.50 5.78 37.27
C ASP B 223 -7.07 6.22 36.99
N VAL B 224 -6.91 7.23 36.13
CA VAL B 224 -5.59 7.60 35.66
C VAL B 224 -4.72 8.13 36.80
N ARG B 225 -5.28 9.03 37.61
CA ARG B 225 -4.49 9.63 38.68
C ARG B 225 -4.26 8.65 39.83
N GLU B 226 -5.30 7.92 40.23
CA GLU B 226 -5.15 7.00 41.35
C GLU B 226 -4.39 5.75 40.95
N GLY B 227 -4.44 5.37 39.67
CA GLY B 227 -3.74 4.18 39.23
C GLY B 227 -4.32 2.89 39.74
N MET B 228 -5.64 2.81 39.87
CA MET B 228 -6.31 1.62 40.39
C MET B 228 -7.45 1.23 39.46
N CYS B 229 -7.81 -0.04 39.51
CA CYS B 229 -8.92 -0.57 38.73
C CYS B 229 -10.21 -0.39 39.50
N ARG B 230 -11.19 0.28 38.88
CA ARG B 230 -12.46 0.56 39.54
C ARG B 230 -13.49 -0.54 39.31
N GLN B 231 -13.65 -0.99 38.07
CA GLN B 231 -14.62 -2.01 37.73
C GLN B 231 -14.02 -2.98 36.72
N THR B 232 -14.50 -4.21 36.75
CA THR B 232 -14.13 -5.24 35.79
C THR B 232 -15.39 -5.75 35.12
N PHE B 233 -15.41 -5.75 33.78
CA PHE B 233 -16.58 -6.11 33.01
C PHE B 233 -16.30 -7.42 32.28
N THR B 234 -17.17 -8.39 32.47
CA THR B 234 -17.08 -9.69 31.82
C THR B 234 -18.31 -9.90 30.93
N GLY B 235 -18.32 -11.02 30.23
CA GLY B 235 -19.41 -11.36 29.35
C GLY B 235 -18.95 -11.90 28.01
N HIS B 236 -17.81 -11.42 27.53
CA HIS B 236 -17.25 -11.93 26.29
C HIS B 236 -16.72 -13.35 26.50
N GLU B 237 -16.62 -14.09 25.41
CA GLU B 237 -16.13 -15.46 25.45
C GLU B 237 -14.73 -15.63 24.88
N SER B 238 -14.18 -14.60 24.25
CA SER B 238 -12.85 -14.67 23.64
C SER B 238 -12.12 -13.36 23.91
N ASP B 239 -10.96 -13.20 23.28
CA ASP B 239 -10.15 -12.01 23.49
C ASP B 239 -10.89 -10.77 23.00
N ILE B 240 -10.76 -9.67 23.74
CA ILE B 240 -11.33 -8.39 23.37
C ILE B 240 -10.30 -7.65 22.55
N ASN B 241 -10.57 -7.47 21.26
CA ASN B 241 -9.64 -6.81 20.36
C ASN B 241 -9.86 -5.31 20.23
N ALA B 242 -11.02 -4.81 20.66
CA ALA B 242 -11.34 -3.41 20.46
C ALA B 242 -12.17 -2.90 21.62
N ILE B 243 -12.10 -1.59 21.84
CA ILE B 243 -12.86 -0.93 22.89
C ILE B 243 -13.00 0.53 22.52
N CYS B 244 -14.13 1.13 22.89
CA CYS B 244 -14.39 2.52 22.56
C CYS B 244 -15.42 3.07 23.55
N PHE B 245 -15.19 4.30 23.99
CA PHE B 245 -16.11 4.96 24.91
C PHE B 245 -17.31 5.54 24.18
N PHE B 246 -18.46 5.46 24.82
CA PHE B 246 -19.63 6.19 24.35
C PHE B 246 -19.34 7.68 24.41
N PRO B 247 -19.87 8.49 23.47
CA PRO B 247 -19.57 9.93 23.49
C PRO B 247 -19.95 10.60 24.79
N ASN B 248 -21.01 10.13 25.44
CA ASN B 248 -21.42 10.71 26.72
C ASN B 248 -20.37 10.43 27.80
N GLY B 249 -19.62 9.33 27.66
CA GLY B 249 -18.60 8.98 28.62
C GLY B 249 -19.04 8.04 29.72
N ASN B 250 -20.33 7.70 29.79
CA ASN B 250 -20.85 6.82 30.82
C ASN B 250 -20.96 5.37 30.36
N ALA B 251 -20.52 5.04 29.15
CA ALA B 251 -20.63 3.69 28.64
C ALA B 251 -19.53 3.46 27.62
N PHE B 252 -19.29 2.18 27.31
CA PHE B 252 -18.30 1.83 26.31
C PHE B 252 -18.70 0.53 25.64
N ALA B 253 -18.14 0.30 24.46
CA ALA B 253 -18.43 -0.88 23.66
C ALA B 253 -17.14 -1.64 23.40
N THR B 254 -17.25 -2.97 23.36
CA THR B 254 -16.11 -3.85 23.17
C THR B 254 -16.33 -4.73 21.96
N GLY B 255 -15.27 -4.96 21.19
CA GLY B 255 -15.31 -5.91 20.10
C GLY B 255 -14.39 -7.08 20.38
N SER B 256 -14.87 -8.30 20.19
CA SER B 256 -14.13 -9.49 20.59
C SER B 256 -14.02 -10.46 19.43
N ASP B 257 -13.31 -11.56 19.68
CA ASP B 257 -13.10 -12.61 18.69
C ASP B 257 -14.29 -13.56 18.58
N ASP B 258 -15.25 -13.48 19.50
CA ASP B 258 -16.44 -14.34 19.43
C ASP B 258 -17.53 -13.74 18.56
N ALA B 259 -17.18 -12.82 17.65
CA ALA B 259 -18.07 -12.26 16.64
C ALA B 259 -19.20 -11.44 17.24
N THR B 260 -19.07 -10.99 18.48
CA THR B 260 -20.09 -10.18 19.13
C THR B 260 -19.49 -8.88 19.63
N CYS B 261 -20.22 -7.79 19.45
CA CYS B 261 -19.91 -6.51 20.07
C CYS B 261 -20.87 -6.31 21.23
N ARG B 262 -20.35 -5.86 22.37
CA ARG B 262 -21.16 -5.69 23.56
C ARG B 262 -21.02 -4.26 24.07
N LEU B 263 -22.09 -3.77 24.69
CA LEU B 263 -22.12 -2.43 25.27
C LEU B 263 -22.22 -2.56 26.77
N PHE B 264 -21.28 -1.93 27.47
CA PHE B 264 -21.25 -1.94 28.93
C PHE B 264 -21.44 -0.51 29.43
N ASP B 265 -22.21 -0.37 30.51
CA ASP B 265 -22.46 0.92 31.11
C ASP B 265 -21.77 0.98 32.46
N LEU B 266 -21.00 2.04 32.69
CA LEU B 266 -20.19 2.13 33.90
C LEU B 266 -21.07 2.21 35.15
N ARG B 267 -22.14 3.01 35.09
CA ARG B 267 -22.93 3.28 36.30
C ARG B 267 -23.65 2.04 36.80
N ALA B 268 -24.26 1.26 35.89
CA ALA B 268 -24.91 0.03 36.29
C ALA B 268 -23.93 -1.12 36.51
N ASP B 269 -22.71 -1.01 36.00
CA ASP B 269 -21.67 -2.03 36.20
C ASP B 269 -22.12 -3.39 35.67
N GLN B 270 -22.55 -3.44 34.41
CA GLN B 270 -22.93 -4.69 33.77
C GLN B 270 -23.14 -4.46 32.29
N GLU B 271 -23.42 -5.56 31.59
CA GLU B 271 -23.74 -5.53 30.17
C GLU B 271 -25.06 -4.82 29.92
N LEU B 272 -25.17 -4.20 28.75
CA LEU B 272 -26.41 -3.56 28.32
C LEU B 272 -27.06 -4.26 27.14
N MET B 273 -26.34 -4.43 26.04
CA MET B 273 -26.90 -5.13 24.89
C MET B 273 -25.76 -5.69 24.04
N THR B 274 -26.04 -6.82 23.39
CA THR B 274 -25.08 -7.52 22.56
C THR B 274 -25.42 -7.32 21.09
N TYR B 275 -24.41 -7.04 20.28
CA TYR B 275 -24.56 -6.79 18.85
C TYR B 275 -23.96 -7.97 18.11
N SER B 276 -24.79 -8.91 17.69
CA SER B 276 -24.34 -10.11 17.00
C SER B 276 -25.38 -10.55 15.98
N HIS B 277 -24.91 -11.31 14.99
CA HIS B 277 -25.78 -11.90 13.99
C HIS B 277 -25.27 -13.30 13.65
N ASP B 278 -26.20 -14.15 13.22
CA ASP B 278 -25.83 -15.53 12.90
C ASP B 278 -24.87 -15.60 11.72
N ASN B 279 -25.08 -14.75 10.72
CA ASN B 279 -24.22 -14.75 9.54
C ASN B 279 -22.83 -14.21 9.82
N ILE B 280 -22.61 -13.61 10.98
CA ILE B 280 -21.31 -13.06 11.35
C ILE B 280 -20.64 -14.05 12.30
N ILE B 281 -19.51 -14.62 11.86
CA ILE B 281 -18.76 -15.56 12.69
C ILE B 281 -17.30 -15.17 12.85
N CYS B 282 -16.84 -14.12 12.19
CA CYS B 282 -15.47 -13.66 12.31
C CYS B 282 -15.32 -12.69 13.46
N GLY B 283 -14.10 -12.52 13.92
CA GLY B 283 -13.82 -11.61 15.01
C GLY B 283 -13.93 -10.16 14.61
N ILE B 284 -13.93 -9.29 15.62
CA ILE B 284 -14.03 -7.85 15.45
C ILE B 284 -12.67 -7.24 15.74
N THR B 285 -12.18 -6.43 14.79
CA THR B 285 -10.87 -5.82 14.94
C THR B 285 -10.93 -4.42 15.56
N SER B 286 -11.98 -3.66 15.25
CA SER B 286 -12.09 -2.30 15.74
C SER B 286 -13.54 -1.92 15.91
N VAL B 287 -13.81 -1.06 16.88
CA VAL B 287 -15.14 -0.51 17.11
C VAL B 287 -15.00 1.00 17.25
N SER B 288 -16.09 1.71 16.94
CA SER B 288 -16.12 3.15 17.04
C SER B 288 -17.57 3.61 17.10
N PHE B 289 -17.82 4.65 17.88
CA PHE B 289 -19.16 5.20 18.01
C PHE B 289 -19.32 6.40 17.10
N SER B 290 -20.58 6.65 16.72
CA SER B 290 -20.90 7.83 15.93
C SER B 290 -20.82 9.07 16.81
N LYS B 291 -21.07 10.23 16.20
CA LYS B 291 -20.94 11.50 16.94
C LYS B 291 -21.94 11.56 18.09
N SER B 292 -23.18 11.14 17.86
CA SER B 292 -24.19 11.14 18.90
C SER B 292 -24.28 9.83 19.65
N GLY B 293 -23.48 8.82 19.26
CA GLY B 293 -23.55 7.53 19.88
C GLY B 293 -24.68 6.65 19.42
N ARG B 294 -25.46 7.10 18.42
CA ARG B 294 -26.57 6.29 17.94
C ARG B 294 -26.09 5.11 17.10
N LEU B 295 -24.99 5.27 16.37
CA LEU B 295 -24.48 4.24 15.49
C LEU B 295 -23.18 3.69 16.04
N LEU B 296 -23.08 2.37 16.10
CA LEU B 296 -21.87 1.68 16.54
C LEU B 296 -21.25 1.01 15.32
N LEU B 297 -20.15 1.57 14.84
CA LEU B 297 -19.43 1.01 13.72
C LEU B 297 -18.40 0.00 14.21
N ALA B 298 -18.30 -1.13 13.52
CA ALA B 298 -17.38 -2.19 13.92
C ALA B 298 -16.74 -2.79 12.68
N GLY B 299 -15.43 -2.99 12.73
CA GLY B 299 -14.70 -3.64 11.67
C GLY B 299 -14.52 -5.13 11.97
N TYR B 300 -14.61 -5.94 10.93
CA TYR B 300 -14.60 -7.39 11.07
C TYR B 300 -13.50 -7.99 10.21
N ASP B 301 -13.30 -9.30 10.36
CA ASP B 301 -12.35 -10.04 9.55
C ASP B 301 -12.92 -10.47 8.21
N ASP B 302 -14.23 -10.35 7.99
CA ASP B 302 -14.84 -10.70 6.72
C ASP B 302 -14.74 -9.58 5.70
N PHE B 303 -13.81 -8.65 5.90
CA PHE B 303 -13.37 -7.60 4.99
C PHE B 303 -14.32 -6.40 4.94
N ASN B 304 -15.40 -6.37 5.72
CA ASN B 304 -16.31 -5.24 5.68
C ASN B 304 -16.67 -4.79 7.09
N CYS B 305 -17.11 -3.55 7.19
CA CYS B 305 -17.49 -2.92 8.45
C CYS B 305 -19.01 -2.84 8.54
N ASN B 306 -19.56 -3.24 9.67
CA ASN B 306 -21.00 -3.25 9.88
C ASN B 306 -21.40 -2.10 10.80
N VAL B 307 -22.42 -1.35 10.39
CA VAL B 307 -22.94 -0.25 11.19
C VAL B 307 -24.11 -0.79 12.01
N TRP B 308 -24.03 -0.61 13.33
CA TRP B 308 -25.02 -1.14 14.25
C TRP B 308 -25.82 -0.01 14.87
N ASP B 309 -27.13 -0.21 15.00
CA ASP B 309 -27.95 0.68 15.80
C ASP B 309 -27.63 0.43 17.27
N ALA B 310 -26.92 1.37 17.90
CA ALA B 310 -26.43 1.14 19.26
C ALA B 310 -27.55 0.99 20.27
N LEU B 311 -28.76 1.43 19.94
CA LEU B 311 -29.88 1.34 20.85
C LEU B 311 -30.81 0.16 20.56
N LYS B 312 -30.60 -0.57 19.46
CA LYS B 312 -31.52 -1.63 19.08
C LYS B 312 -30.84 -2.92 18.62
N ALA B 313 -29.52 -2.94 18.49
CA ALA B 313 -28.78 -4.12 18.01
C ALA B 313 -29.30 -4.58 16.64
N ASP B 314 -29.58 -3.63 15.77
CA ASP B 314 -30.00 -3.92 14.40
C ASP B 314 -28.93 -3.40 13.45
N ARG B 315 -28.48 -4.27 12.54
CA ARG B 315 -27.48 -3.87 11.57
C ARG B 315 -28.08 -2.83 10.63
N ALA B 316 -27.64 -1.59 10.76
CA ALA B 316 -28.21 -0.50 9.99
C ALA B 316 -27.51 -0.28 8.65
N GLY B 317 -26.40 -0.95 8.39
CA GLY B 317 -25.71 -0.78 7.13
C GLY B 317 -24.43 -1.58 7.12
N VAL B 318 -23.82 -1.64 5.94
CA VAL B 318 -22.57 -2.37 5.72
C VAL B 318 -21.64 -1.47 4.93
N LEU B 319 -20.36 -1.44 5.32
CA LEU B 319 -19.32 -0.70 4.63
C LEU B 319 -18.39 -1.72 3.98
N ALA B 320 -18.74 -2.14 2.77
CA ALA B 320 -18.00 -3.20 2.07
C ALA B 320 -17.20 -2.55 0.93
N GLY B 321 -15.94 -2.23 1.20
CA GLY B 321 -15.10 -1.65 0.19
C GLY B 321 -13.66 -2.13 0.23
N HIS B 322 -13.36 -3.06 1.13
CA HIS B 322 -12.00 -3.53 1.34
C HIS B 322 -11.87 -4.98 0.90
N ASP B 323 -10.72 -5.30 0.31
CA ASP B 323 -10.45 -6.65 -0.16
C ASP B 323 -9.79 -7.55 0.88
N ASN B 324 -9.41 -7.01 2.02
CA ASN B 324 -8.78 -7.78 3.08
C ASN B 324 -9.37 -7.35 4.41
N ARG B 325 -8.85 -7.90 5.50
CA ARG B 325 -9.41 -7.67 6.82
C ARG B 325 -9.35 -6.19 7.17
N VAL B 326 -10.47 -5.66 7.68
CA VAL B 326 -10.53 -4.29 8.15
C VAL B 326 -9.95 -4.27 9.56
N SER B 327 -8.80 -3.60 9.72
CA SER B 327 -8.09 -3.60 10.99
C SER B 327 -8.24 -2.30 11.76
N CYS B 328 -8.68 -1.22 11.11
CA CYS B 328 -8.72 0.09 11.74
C CYS B 328 -10.08 0.72 11.53
N LEU B 329 -10.43 1.62 12.44
CA LEU B 329 -11.70 2.32 12.36
C LEU B 329 -11.57 3.64 13.11
N GLY B 330 -12.24 4.67 12.61
CA GLY B 330 -12.21 5.95 13.27
C GLY B 330 -13.22 6.94 12.73
N VAL B 331 -13.95 7.58 13.64
CA VAL B 331 -14.93 8.60 13.31
C VAL B 331 -14.36 9.94 13.73
N THR B 332 -14.48 10.94 12.86
CA THR B 332 -13.89 12.25 13.14
C THR B 332 -14.53 12.88 14.36
N ASP B 333 -13.86 13.90 14.89
CA ASP B 333 -14.35 14.59 16.09
C ASP B 333 -15.70 15.24 15.84
N ASP B 334 -15.88 15.84 14.66
CA ASP B 334 -17.15 16.44 14.30
C ASP B 334 -18.16 15.44 13.76
N GLY B 335 -17.76 14.18 13.61
CA GLY B 335 -18.67 13.14 13.15
C GLY B 335 -18.99 13.18 11.68
N MET B 336 -18.24 13.94 10.89
CA MET B 336 -18.59 14.13 9.49
C MET B 336 -18.25 12.89 8.65
N ALA B 337 -17.18 12.18 9.01
CA ALA B 337 -16.71 11.07 8.20
C ALA B 337 -16.18 9.96 9.10
N VAL B 338 -16.08 8.77 8.51
CA VAL B 338 -15.51 7.60 9.17
C VAL B 338 -14.45 7.01 8.26
N ALA B 339 -13.28 6.72 8.81
CA ALA B 339 -12.17 6.16 8.06
C ALA B 339 -11.97 4.70 8.45
N THR B 340 -11.74 3.86 7.45
CA THR B 340 -11.46 2.45 7.66
C THR B 340 -10.09 2.11 7.10
N GLY B 341 -9.26 1.49 7.93
CA GLY B 341 -7.99 0.93 7.48
C GLY B 341 -8.14 -0.56 7.31
N SER B 342 -7.31 -1.13 6.44
CA SER B 342 -7.45 -2.55 6.13
C SER B 342 -6.10 -3.14 5.76
N TRP B 343 -6.05 -4.47 5.79
CA TRP B 343 -4.84 -5.20 5.44
C TRP B 343 -4.52 -5.15 3.96
N ASP B 344 -5.44 -4.66 3.12
CA ASP B 344 -5.16 -4.49 1.71
C ASP B 344 -4.39 -3.22 1.40
N SER B 345 -3.87 -2.54 2.43
CA SER B 345 -3.01 -1.37 2.28
C SER B 345 -3.77 -0.18 1.71
N PHE B 346 -5.00 0.03 2.17
CA PHE B 346 -5.82 1.15 1.71
C PHE B 346 -6.62 1.71 2.86
N LEU B 347 -6.77 3.03 2.88
CA LEU B 347 -7.67 3.71 3.79
C LEU B 347 -8.76 4.40 2.99
N LYS B 348 -10.00 4.25 3.44
CA LYS B 348 -11.15 4.80 2.72
C LYS B 348 -11.96 5.67 3.66
N ILE B 349 -12.38 6.83 3.17
CA ILE B 349 -13.19 7.77 3.93
C ILE B 349 -14.63 7.63 3.47
N TRP B 350 -15.53 7.35 4.41
CA TRP B 350 -16.93 7.10 4.10
C TRP B 350 -17.80 8.23 4.62
N ASN B 351 -18.86 8.53 3.89
CA ASN B 351 -19.78 9.58 4.28
C ASN B 351 -21.16 9.29 3.70
N GLY B 352 -22.18 9.90 4.31
CA GLY B 352 -23.54 9.73 3.86
C GLY B 352 -23.88 10.67 2.71
N SER B 353 -25.16 10.69 2.36
CA SER B 353 -25.65 11.55 1.29
C SER B 353 -27.12 11.81 1.49
N SER B 354 -27.56 13.04 1.23
CA SER B 354 -28.96 13.40 1.33
C SER B 354 -29.33 14.44 0.28
N ALA C 7 4.44 -16.90 48.40
CA ALA C 7 4.00 -18.03 47.58
C ALA C 7 2.53 -17.89 47.20
N SER C 8 2.23 -16.87 46.41
CA SER C 8 0.91 -16.53 45.88
C SER C 8 -0.06 -16.06 46.96
N ILE C 9 0.34 -16.07 48.23
CA ILE C 9 -0.53 -15.54 49.29
C ILE C 9 -0.74 -14.05 49.10
N ALA C 10 0.33 -13.32 48.78
CA ALA C 10 0.21 -11.89 48.51
C ALA C 10 -0.68 -11.64 47.28
N GLN C 11 -0.56 -12.50 46.26
CA GLN C 11 -1.41 -12.37 45.08
C GLN C 11 -2.88 -12.57 45.44
N ALA C 12 -3.17 -13.58 46.27
CA ALA C 12 -4.54 -13.81 46.69
C ALA C 12 -5.07 -12.65 47.51
N ARG C 13 -4.24 -12.10 48.40
CA ARG C 13 -4.66 -10.94 49.19
C ARG C 13 -4.95 -9.75 48.29
N LYS C 14 -4.10 -9.51 47.28
CA LYS C 14 -4.33 -8.43 46.35
C LYS C 14 -5.63 -8.64 45.58
N LEU C 15 -5.88 -9.88 45.15
CA LEU C 15 -7.10 -10.17 44.40
C LEU C 15 -8.35 -9.93 45.24
N VAL C 16 -8.34 -10.41 46.49
CA VAL C 16 -9.52 -10.26 47.34
C VAL C 16 -9.71 -8.79 47.71
N GLU C 17 -8.62 -8.04 47.92
CA GLU C 17 -8.76 -6.62 48.20
C GLU C 17 -9.32 -5.86 46.99
N GLN C 18 -8.86 -6.21 45.78
CA GLN C 18 -9.40 -5.60 44.58
C GLN C 18 -10.89 -5.92 44.42
N LEU C 19 -11.27 -7.16 44.68
CA LEU C 19 -12.69 -7.53 44.60
C LEU C 19 -13.51 -6.78 45.63
N LYS C 20 -12.98 -6.63 46.85
CA LYS C 20 -13.68 -5.88 47.88
C LYS C 20 -13.87 -4.43 47.47
N MET C 21 -12.84 -3.83 46.88
CA MET C 21 -12.96 -2.46 46.39
C MET C 21 -13.97 -2.36 45.24
N GLU C 22 -14.03 -3.39 44.39
CA GLU C 22 -14.98 -3.39 43.29
C GLU C 22 -16.42 -3.54 43.78
N ALA C 23 -16.61 -4.26 44.89
CA ALA C 23 -17.96 -4.55 45.37
C ALA C 23 -18.58 -3.43 46.19
N ASN C 24 -17.82 -2.38 46.49
CA ASN C 24 -18.30 -1.31 47.35
C ASN C 24 -18.83 -0.11 46.59
N ILE C 25 -18.89 -0.17 45.26
CA ILE C 25 -19.38 0.96 44.47
C ILE C 25 -20.90 0.87 44.37
N ASP C 26 -21.50 2.06 44.27
CA ASP C 26 -22.97 2.14 44.11
C ASP C 26 -23.33 1.94 42.65
N ARG C 27 -24.50 1.35 42.38
CA ARG C 27 -24.95 1.10 41.03
C ARG C 27 -26.38 1.59 40.86
N ILE C 28 -26.63 2.33 39.78
CA ILE C 28 -27.98 2.76 39.44
C ILE C 28 -28.68 1.63 38.70
N LYS C 29 -29.99 1.74 38.54
CA LYS C 29 -30.74 0.72 37.82
C LYS C 29 -30.39 0.73 36.33
N VAL C 30 -30.53 -0.43 35.70
CA VAL C 30 -30.30 -0.51 34.26
C VAL C 30 -31.29 0.34 33.48
N SER C 31 -32.51 0.49 34.00
CA SER C 31 -33.49 1.35 33.35
C SER C 31 -33.02 2.79 33.32
N LYS C 32 -32.41 3.26 34.41
CA LYS C 32 -31.92 4.64 34.45
C LYS C 32 -30.78 4.85 33.46
N ALA C 33 -29.85 3.90 33.37
CA ALA C 33 -28.76 4.01 32.41
C ALA C 33 -29.29 3.97 30.98
N ALA C 34 -30.28 3.10 30.73
CA ALA C 34 -30.89 3.05 29.40
C ALA C 34 -31.55 4.38 29.06
N ALA C 35 -32.26 4.99 30.01
CA ALA C 35 -32.88 6.28 29.78
C ALA C 35 -31.83 7.34 29.51
N ASP C 36 -30.72 7.31 30.25
CA ASP C 36 -29.66 8.30 30.04
C ASP C 36 -29.05 8.17 28.65
N LEU C 37 -28.77 6.94 28.20
CA LEU C 37 -28.23 6.74 26.87
C LEU C 37 -29.22 7.19 25.80
N MET C 38 -30.50 6.86 25.96
CA MET C 38 -31.52 7.29 25.02
C MET C 38 -31.60 8.81 24.97
N ALA C 39 -31.56 9.46 26.13
CA ALA C 39 -31.64 10.91 26.18
C ALA C 39 -30.44 11.54 25.48
N TYR C 40 -29.24 11.00 25.70
CA TYR C 40 -28.07 11.56 25.03
C TYR C 40 -28.17 11.36 23.53
N CYS C 41 -28.63 10.19 23.08
CA CYS C 41 -28.75 9.95 21.64
C CYS C 41 -29.78 10.87 21.00
N GLU C 42 -30.90 11.11 21.70
CA GLU C 42 -31.95 11.95 21.12
C GLU C 42 -31.54 13.42 21.14
N ALA C 43 -30.89 13.87 22.22
CA ALA C 43 -30.51 15.27 22.32
C ALA C 43 -29.48 15.66 21.26
N HIS C 44 -28.53 14.78 20.98
CA HIS C 44 -27.47 15.07 20.04
C HIS C 44 -27.77 14.54 18.65
N ALA C 45 -29.00 14.14 18.37
CA ALA C 45 -29.40 13.83 17.01
C ALA C 45 -29.43 15.11 16.18
N LYS C 46 -29.51 14.91 14.85
CA LYS C 46 -29.48 15.96 13.82
C LYS C 46 -28.26 16.85 13.96
N GLU C 47 -27.33 16.48 14.84
CA GLU C 47 -25.96 16.98 14.83
C GLU C 47 -25.00 15.89 14.40
N ASP C 48 -25.52 14.77 13.89
CA ASP C 48 -24.74 13.60 13.53
C ASP C 48 -24.71 13.46 12.02
N PRO C 49 -23.64 13.85 11.34
CA PRO C 49 -23.60 13.72 9.88
C PRO C 49 -23.73 12.28 9.40
N LEU C 50 -23.25 11.30 10.16
CA LEU C 50 -23.40 9.91 9.75
C LEU C 50 -24.83 9.44 9.91
N LEU C 51 -25.46 9.77 11.05
CA LEU C 51 -26.85 9.37 11.25
C LEU C 51 -27.79 10.20 10.40
N THR C 52 -27.59 11.52 10.35
CA THR C 52 -28.38 12.42 9.54
C THR C 52 -27.47 13.06 8.50
N PRO C 53 -27.46 12.57 7.26
CA PRO C 53 -26.55 13.13 6.25
C PRO C 53 -26.82 14.61 6.01
N VAL C 54 -25.74 15.35 5.79
CA VAL C 54 -25.80 16.79 5.58
C VAL C 54 -25.91 17.07 4.08
N PRO C 55 -26.42 18.23 3.67
CA PRO C 55 -26.46 18.54 2.24
C PRO C 55 -25.06 18.62 1.64
N ALA C 56 -24.97 18.30 0.35
CA ALA C 56 -23.68 18.26 -0.32
C ALA C 56 -22.95 19.60 -0.30
N SER C 57 -23.69 20.70 -0.14
CA SER C 57 -23.04 22.01 -0.08
C SER C 57 -22.12 22.11 1.13
N GLU C 58 -22.58 21.63 2.29
CA GLU C 58 -21.79 21.67 3.51
C GLU C 58 -20.99 20.40 3.77
N ASN C 59 -21.01 19.46 2.85
CA ASN C 59 -20.22 18.24 2.99
C ASN C 59 -18.78 18.52 2.56
N PRO C 60 -17.80 18.38 3.45
CA PRO C 60 -16.40 18.63 3.06
C PRO C 60 -15.76 17.46 2.33
N PHE C 61 -16.41 16.30 2.28
CA PHE C 61 -15.89 15.15 1.57
C PHE C 61 -16.69 14.84 0.30
N ARG C 62 -17.39 15.84 -0.24
CA ARG C 62 -18.13 15.63 -1.47
C ARG C 62 -17.19 15.29 -2.62
N GLU C 63 -17.60 14.34 -3.45
CA GLU C 63 -16.77 13.92 -4.57
C GLU C 63 -16.72 14.96 -5.69
N LYS C 64 -17.76 15.80 -5.79
CA LYS C 64 -17.76 16.84 -6.82
C LYS C 64 -16.62 17.83 -6.60
N LYS C 65 -16.39 18.22 -5.34
CA LYS C 65 -15.36 19.19 -4.92
C LYS C 65 -15.07 20.28 -5.95
N PHE D 1 -9.45 -22.87 -60.16
CA PHE D 1 -8.02 -22.51 -60.11
C PHE D 1 -7.58 -22.29 -58.68
N LEU D 2 -7.75 -21.06 -58.18
CA LEU D 2 -7.50 -20.75 -56.78
C LEU D 2 -6.06 -21.05 -56.36
N PHE D 3 -5.09 -20.40 -57.00
CA PHE D 3 -3.68 -20.57 -56.62
C PHE D 3 -3.20 -19.45 -55.71
N GLN D 4 -4.12 -18.71 -55.08
CA GLN D 4 -3.76 -17.61 -54.17
C GLN D 4 -4.45 -17.81 -52.83
N PRO D 5 -3.84 -18.51 -51.88
CA PRO D 5 -4.35 -18.50 -50.51
C PRO D 5 -4.08 -17.20 -49.77
N GLN D 6 -3.12 -16.39 -50.24
CA GLN D 6 -2.71 -15.14 -49.61
C GLN D 6 -2.00 -15.37 -48.28
N ARG D 7 -1.21 -14.40 -47.84
CA ARG D 7 -0.52 -14.45 -46.56
C ARG D 7 -1.51 -14.69 -45.43
N PHE D 8 -1.35 -15.83 -44.76
CA PHE D 8 -2.20 -16.20 -43.63
C PHE D 8 -3.69 -16.13 -43.99
N VAL E 1 18.67 26.70 12.57
CA VAL E 1 18.34 27.26 11.26
C VAL E 1 19.20 28.48 10.99
N GLN E 2 19.82 28.52 9.81
CA GLN E 2 20.68 29.63 9.44
C GLN E 2 20.88 29.62 7.94
N LEU E 3 20.70 30.77 7.31
CA LEU E 3 20.95 30.95 5.88
C LEU E 3 21.95 32.09 5.72
N VAL E 4 23.04 31.82 5.00
CA VAL E 4 24.09 32.81 4.78
C VAL E 4 24.26 32.97 3.27
N GLU E 5 24.15 34.20 2.79
CA GLU E 5 24.28 34.49 1.38
C GLU E 5 25.63 35.14 1.08
N SER E 6 26.12 34.90 -0.13
CA SER E 6 27.42 35.42 -0.54
C SER E 6 27.39 35.69 -2.04
N GLY E 7 28.43 36.37 -2.51
CA GLY E 7 28.57 36.66 -3.92
C GLY E 7 28.14 38.05 -4.34
N GLY E 8 27.78 38.92 -3.41
CA GLY E 8 27.39 40.26 -3.73
C GLY E 8 28.59 41.18 -3.95
N GLY E 9 28.27 42.43 -4.25
CA GLY E 9 29.31 43.43 -4.47
C GLY E 9 29.09 44.27 -5.71
N LEU E 10 30.04 45.14 -6.01
CA LEU E 10 29.92 46.01 -7.18
C LEU E 10 30.10 45.21 -8.46
N VAL E 11 29.21 45.48 -9.43
CA VAL E 11 29.25 44.80 -10.72
C VAL E 11 29.05 45.84 -11.82
N GLN E 12 29.50 45.49 -13.01
CA GLN E 12 29.38 46.35 -14.18
C GLN E 12 28.05 46.08 -14.87
N PRO E 13 27.33 47.11 -15.32
CA PRO E 13 26.06 46.87 -16.02
C PRO E 13 26.28 46.02 -17.26
N GLY E 14 25.34 45.12 -17.50
CA GLY E 14 25.46 44.16 -18.57
C GLY E 14 26.31 42.95 -18.25
N GLY E 15 26.87 42.88 -17.05
CA GLY E 15 27.70 41.77 -16.65
C GLY E 15 26.89 40.63 -16.05
N SER E 16 27.60 39.74 -15.37
CA SER E 16 26.97 38.59 -14.74
C SER E 16 27.52 38.42 -13.33
N ARG E 17 26.71 37.82 -12.47
CA ARG E 17 27.09 37.58 -11.09
C ARG E 17 26.33 36.37 -10.57
N LYS E 18 26.99 35.58 -9.72
CA LYS E 18 26.43 34.33 -9.21
C LYS E 18 26.27 34.46 -7.70
N LEU E 19 25.03 34.56 -7.25
CA LEU E 19 24.72 34.61 -5.83
C LEU E 19 24.52 33.20 -5.29
N SER E 20 25.06 32.95 -4.10
CA SER E 20 24.93 31.66 -3.45
C SER E 20 24.48 31.85 -2.02
N CYS E 21 23.70 30.89 -1.53
CA CYS E 21 23.24 30.88 -0.15
C CYS E 21 23.50 29.51 0.45
N SER E 22 24.13 29.49 1.62
CA SER E 22 24.45 28.25 2.31
C SER E 22 23.46 28.02 3.44
N ALA E 23 22.80 26.88 3.42
CA ALA E 23 21.81 26.51 4.43
C ALA E 23 22.44 25.60 5.47
N SER E 24 22.03 25.79 6.72
CA SER E 24 22.53 24.97 7.82
C SER E 24 21.47 24.92 8.91
N GLY E 25 21.39 23.77 9.57
CA GLY E 25 20.50 23.62 10.70
C GLY E 25 19.07 23.23 10.36
N PHE E 26 18.79 22.87 9.11
CA PHE E 26 17.47 22.40 8.75
C PHE E 26 17.56 21.56 7.47
N ALA E 27 16.50 20.80 7.21
CA ALA E 27 16.46 19.94 6.05
C ALA E 27 16.24 20.75 4.78
N PHE E 28 17.35 21.17 4.14
CA PHE E 28 17.27 22.06 2.99
C PHE E 28 16.50 21.43 1.83
N SER E 29 16.56 20.11 1.70
CA SER E 29 15.93 19.45 0.55
C SER E 29 14.41 19.52 0.62
N SER E 30 13.84 19.62 1.83
CA SER E 30 12.40 19.59 2.00
C SER E 30 11.76 20.97 1.89
N PHE E 31 12.54 22.02 1.68
CA PHE E 31 12.04 23.38 1.68
C PHE E 31 12.10 23.98 0.29
N GLY E 32 11.04 24.68 -0.10
CA GLY E 32 11.10 25.53 -1.26
C GLY E 32 11.85 26.82 -0.94
N MET E 33 12.57 27.33 -1.94
CA MET E 33 13.46 28.46 -1.75
C MET E 33 13.03 29.63 -2.60
N HIS E 34 13.06 30.82 -2.01
CA HIS E 34 12.73 32.06 -2.71
C HIS E 34 13.91 33.01 -2.65
N TRP E 35 14.02 33.84 -3.68
CA TRP E 35 14.94 34.97 -3.67
C TRP E 35 14.10 36.25 -3.64
N VAL E 36 14.33 37.07 -2.63
CA VAL E 36 13.61 38.33 -2.47
C VAL E 36 14.63 39.44 -2.39
N ARG E 37 14.46 40.45 -3.25
CA ARG E 37 15.37 41.59 -3.28
C ARG E 37 14.70 42.80 -2.66
N GLN E 38 15.53 43.78 -2.29
CA GLN E 38 15.03 45.02 -1.70
C GLN E 38 15.93 46.15 -2.17
N ALA E 39 15.41 47.00 -3.04
CA ALA E 39 16.18 48.13 -3.52
C ALA E 39 16.48 49.09 -2.36
N PRO E 40 17.59 49.81 -2.43
CA PRO E 40 17.95 50.72 -1.32
C PRO E 40 16.83 51.71 -1.02
N GLU E 41 16.46 51.77 0.26
CA GLU E 41 15.39 52.65 0.73
C GLU E 41 14.08 52.39 0.01
N LYS E 42 13.83 51.12 -0.32
CA LYS E 42 12.60 50.74 -1.00
C LYS E 42 11.99 49.51 -0.34
N GLY E 43 10.92 48.96 -0.95
CA GLY E 43 10.25 47.81 -0.37
C GLY E 43 10.74 46.50 -0.94
N LEU E 44 10.21 45.42 -0.37
CA LEU E 44 10.59 44.08 -0.81
C LEU E 44 10.02 43.78 -2.19
N GLU E 45 10.71 42.91 -2.92
CA GLU E 45 10.29 42.51 -4.26
C GLU E 45 10.70 41.07 -4.50
N TRP E 46 9.72 40.20 -4.74
CA TRP E 46 9.99 38.81 -5.01
C TRP E 46 10.68 38.66 -6.36
N VAL E 47 11.67 37.77 -6.43
CA VAL E 47 12.50 37.60 -7.62
C VAL E 47 12.28 36.23 -8.26
N ALA E 48 12.52 35.15 -7.50
CA ALA E 48 12.45 33.82 -8.07
C ALA E 48 12.08 32.82 -7.00
N TYR E 49 11.63 31.65 -7.43
CA TYR E 49 11.23 30.58 -6.52
C TYR E 49 11.55 29.25 -7.16
N ILE E 50 12.13 28.35 -6.37
CA ILE E 50 12.40 26.98 -6.81
C ILE E 50 11.76 26.04 -5.81
N SER E 51 10.99 25.08 -6.31
CA SER E 51 10.25 24.18 -5.45
C SER E 51 11.20 23.19 -4.78
N SER E 52 10.66 22.44 -3.82
CA SER E 52 11.41 21.36 -3.21
C SER E 52 11.54 20.21 -4.21
N GLY E 53 12.77 19.81 -4.51
CA GLY E 53 13.01 18.86 -5.58
C GLY E 53 13.16 19.48 -6.94
N SER E 54 13.19 20.81 -7.04
CA SER E 54 13.43 21.55 -8.28
C SER E 54 12.38 21.28 -9.34
N GLY E 55 11.21 20.77 -8.93
CA GLY E 55 10.18 20.46 -9.91
C GLY E 55 9.57 21.70 -10.54
N THR E 56 9.37 22.75 -9.75
CA THR E 56 8.70 23.97 -10.20
C THR E 56 9.61 25.17 -10.00
N ILE E 57 9.68 26.03 -10.99
CA ILE E 57 10.50 27.24 -10.93
C ILE E 57 9.67 28.40 -11.46
N TYR E 58 9.67 29.51 -10.72
CA TYR E 58 8.96 30.72 -11.11
C TYR E 58 9.90 31.91 -11.05
N TYR E 59 9.65 32.88 -11.93
CA TYR E 59 10.45 34.09 -11.99
C TYR E 59 9.53 35.31 -12.04
N ALA E 60 10.03 36.42 -11.50
CA ALA E 60 9.35 37.69 -11.70
C ALA E 60 9.50 38.15 -13.15
N ASP E 61 8.61 39.03 -13.57
CA ASP E 61 8.65 39.49 -14.95
C ASP E 61 9.91 40.32 -15.23
N THR E 62 10.37 41.10 -14.26
CA THR E 62 11.55 41.94 -14.46
C THR E 62 12.84 41.14 -14.56
N VAL E 63 12.85 39.88 -14.14
CA VAL E 63 14.04 39.06 -14.15
C VAL E 63 13.93 37.83 -15.03
N LYS E 64 12.76 37.61 -15.64
CA LYS E 64 12.58 36.42 -16.47
C LYS E 64 13.53 36.46 -17.67
N GLY E 65 14.17 35.33 -17.94
CA GLY E 65 15.13 35.20 -19.02
C GLY E 65 16.55 35.51 -18.63
N ARG E 66 16.75 36.54 -17.82
CA ARG E 66 18.08 36.93 -17.38
C ARG E 66 18.53 36.19 -16.12
N PHE E 67 17.62 35.94 -15.20
CA PHE E 67 17.94 35.30 -13.93
C PHE E 67 17.65 33.81 -14.00
N THR E 68 18.53 33.02 -13.40
CA THR E 68 18.35 31.58 -13.31
C THR E 68 18.57 31.15 -11.87
N ILE E 69 17.62 30.39 -11.32
CA ILE E 69 17.67 29.92 -9.95
C ILE E 69 17.88 28.41 -9.96
N SER E 70 18.76 27.95 -9.08
CA SER E 70 19.06 26.52 -8.99
C SER E 70 19.51 26.20 -7.57
N ARG E 71 19.43 24.93 -7.22
CA ARG E 71 19.81 24.47 -5.91
C ARG E 71 20.66 23.20 -6.03
N ASP E 72 21.52 22.98 -5.04
CA ASP E 72 22.33 21.77 -4.93
C ASP E 72 22.01 21.16 -3.57
N ASP E 73 21.00 20.30 -3.54
CA ASP E 73 20.55 19.72 -2.28
C ASP E 73 21.63 18.94 -1.53
N PRO E 74 22.46 18.10 -2.16
CA PRO E 74 23.47 17.37 -1.38
C PRO E 74 24.42 18.28 -0.62
N LYS E 75 24.79 19.43 -1.19
CA LYS E 75 25.70 20.34 -0.51
C LYS E 75 24.99 21.51 0.16
N ASN E 76 23.65 21.54 0.15
CA ASN E 76 22.86 22.54 0.84
C ASN E 76 23.22 23.96 0.39
N THR E 77 23.00 24.22 -0.89
CA THR E 77 23.31 25.52 -1.45
C THR E 77 22.25 25.91 -2.47
N LEU E 78 21.84 27.18 -2.43
CA LEU E 78 20.89 27.74 -3.38
C LEU E 78 21.60 28.81 -4.20
N PHE E 79 21.41 28.78 -5.51
CA PHE E 79 22.10 29.66 -6.43
C PHE E 79 21.12 30.61 -7.12
N LEU E 80 21.68 31.70 -7.66
CA LEU E 80 20.91 32.63 -8.48
C LEU E 80 21.88 33.23 -9.49
N GLN E 81 21.86 32.71 -10.71
CA GLN E 81 22.75 33.19 -11.78
C GLN E 81 22.07 34.36 -12.48
N MET E 82 22.62 35.55 -12.27
CA MET E 82 22.06 36.78 -12.83
C MET E 82 22.95 37.25 -13.98
N THR E 83 22.33 37.50 -15.13
CA THR E 83 23.02 37.96 -16.32
C THR E 83 22.33 39.20 -16.87
N SER E 84 23.09 39.98 -17.63
CA SER E 84 22.59 41.23 -18.22
C SER E 84 22.05 42.15 -17.14
N LEU E 85 22.86 42.36 -16.10
CA LEU E 85 22.42 43.15 -14.95
C LEU E 85 22.20 44.61 -15.34
N ARG E 86 21.07 45.15 -14.94
CA ARG E 86 20.72 46.54 -15.21
C ARG E 86 20.94 47.37 -13.95
N SER E 87 20.74 48.68 -14.08
CA SER E 87 20.84 49.56 -12.91
C SER E 87 19.71 49.32 -11.92
N GLU E 88 18.58 48.78 -12.37
CA GLU E 88 17.46 48.49 -11.48
C GLU E 88 17.67 47.25 -10.64
N ASP E 89 18.71 46.46 -10.91
CA ASP E 89 19.00 45.27 -10.13
C ASP E 89 19.77 45.56 -8.85
N THR E 90 20.18 46.80 -8.63
CA THR E 90 20.87 47.18 -7.40
C THR E 90 19.93 47.02 -6.21
N ALA E 91 20.19 46.05 -5.36
CA ALA E 91 19.31 45.74 -4.25
C ALA E 91 20.06 44.81 -3.29
N MET E 92 19.45 44.55 -2.15
CA MET E 92 19.93 43.55 -1.21
C MET E 92 19.07 42.30 -1.39
N TYR E 93 19.72 41.18 -1.69
CA TYR E 93 19.03 39.95 -2.05
C TYR E 93 18.98 39.02 -0.85
N TYR E 94 17.77 38.59 -0.50
CA TYR E 94 17.55 37.65 0.60
C TYR E 94 17.17 36.29 0.06
N CYS E 95 17.55 35.25 0.80
CA CYS E 95 17.09 33.90 0.54
C CYS E 95 16.09 33.51 1.62
N VAL E 96 14.91 33.07 1.19
CA VAL E 96 13.81 32.77 2.11
C VAL E 96 13.43 31.31 1.94
N ARG E 97 13.39 30.58 3.05
CA ARG E 97 12.89 29.22 3.03
C ARG E 97 11.37 29.22 3.18
N SER E 98 10.72 28.25 2.54
CA SER E 98 9.27 28.17 2.58
C SER E 98 8.85 26.74 2.28
N ILE E 99 8.28 26.07 3.26
CA ILE E 99 7.77 24.71 3.09
C ILE E 99 6.26 24.79 2.97
N TYR E 100 5.69 23.90 2.14
CA TYR E 100 4.27 23.94 1.82
C TYR E 100 3.64 22.59 2.10
N TYR E 101 2.79 22.54 3.12
CA TYR E 101 1.86 21.44 3.34
C TYR E 101 0.67 22.02 4.10
N TYR E 102 -0.25 21.16 4.50
CA TYR E 102 -1.42 21.64 5.22
C TYR E 102 -0.99 22.16 6.60
N GLY E 103 -1.20 23.45 6.83
CA GLY E 103 -0.85 24.05 8.09
C GLY E 103 0.59 24.50 8.21
N SER E 104 1.36 24.48 7.13
CA SER E 104 2.74 24.92 7.19
C SER E 104 2.81 26.43 7.34
N SER E 105 4.03 26.92 7.55
CA SER E 105 4.30 28.34 7.76
C SER E 105 5.36 28.79 6.77
N PRO E 106 4.97 29.11 5.55
CA PRO E 106 5.97 29.53 4.55
C PRO E 106 6.56 30.88 4.88
N PHE E 107 7.74 31.13 4.31
CA PHE E 107 8.46 32.39 4.48
C PHE E 107 8.82 32.65 5.94
N ASP E 108 9.04 31.58 6.72
CA ASP E 108 9.26 31.75 8.15
C ASP E 108 10.66 32.24 8.47
N PHE E 109 11.67 31.82 7.70
CA PHE E 109 13.05 32.20 7.97
C PHE E 109 13.64 32.90 6.75
N TRP E 110 14.31 34.02 6.99
CA TRP E 110 14.97 34.79 5.94
C TRP E 110 16.46 34.82 6.21
N GLY E 111 17.25 34.73 5.15
CA GLY E 111 18.69 34.85 5.29
C GLY E 111 19.11 36.26 5.61
N GLN E 112 20.38 36.43 5.96
CA GLN E 112 20.89 37.74 6.33
C GLN E 112 20.97 38.69 5.15
N GLY E 113 21.08 38.17 3.94
CA GLY E 113 21.06 39.00 2.76
C GLY E 113 22.43 39.44 2.27
N THR E 114 22.60 39.49 0.95
CA THR E 114 23.83 39.97 0.34
C THR E 114 23.49 41.14 -0.57
N THR E 115 24.30 42.20 -0.48
CA THR E 115 24.04 43.41 -1.24
C THR E 115 24.72 43.35 -2.60
N LEU E 116 24.00 43.78 -3.63
CA LEU E 116 24.51 43.86 -4.99
C LEU E 116 24.36 45.28 -5.50
N THR E 117 25.41 45.79 -6.13
CA THR E 117 25.42 47.15 -6.65
C THR E 117 25.80 47.11 -8.12
N VAL E 118 25.02 47.80 -8.95
CA VAL E 118 25.30 47.93 -10.38
C VAL E 118 25.62 49.40 -10.64
N SER E 119 26.85 49.68 -11.04
CA SER E 119 27.33 51.05 -11.22
C SER E 119 27.00 51.50 -12.64
N ALA E 120 25.81 52.07 -12.81
CA ALA E 120 25.37 52.55 -14.12
C ALA E 120 26.20 53.75 -14.56
N SER E 135 0.07 43.33 -15.46
CA SER E 135 -1.31 43.79 -15.57
C SER E 135 -2.23 42.98 -14.66
N ALA E 136 -2.04 41.66 -14.67
CA ALA E 136 -2.83 40.75 -13.83
C ALA E 136 -2.22 40.56 -12.45
N ASP E 137 -1.09 41.21 -12.17
CA ASP E 137 -0.45 41.07 -10.86
C ASP E 137 -1.30 41.75 -9.80
N ILE E 138 -1.52 41.05 -8.68
CA ILE E 138 -2.30 41.59 -7.58
C ILE E 138 -1.55 42.77 -6.97
N VAL E 139 -2.22 43.91 -6.87
CA VAL E 139 -1.60 45.12 -6.33
C VAL E 139 -1.90 45.18 -4.84
N MET E 140 -0.86 45.14 -4.03
CA MET E 140 -0.99 45.21 -2.58
C MET E 140 -0.74 46.65 -2.14
N THR E 141 -1.78 47.32 -1.65
CA THR E 141 -1.72 48.74 -1.37
C THR E 141 -1.70 48.98 0.14
N GLN E 142 -0.70 49.72 0.59
CA GLN E 142 -0.61 50.20 1.96
C GLN E 142 -0.66 51.72 1.90
N ALA E 143 -1.86 52.28 2.05
CA ALA E 143 -2.04 53.71 1.85
C ALA E 143 -1.19 54.52 2.83
N THR E 144 -1.19 54.12 4.10
CA THR E 144 -0.32 54.77 5.08
C THR E 144 1.12 54.31 4.89
N SER E 145 2.06 55.24 5.07
CA SER E 145 3.48 54.89 4.83
C SER E 145 4.27 55.00 6.15
N SER E 146 3.93 55.98 6.98
CA SER E 146 4.62 56.14 8.28
C SER E 146 3.59 56.43 9.39
N VAL E 147 3.64 55.65 10.47
CA VAL E 147 2.70 55.87 11.61
C VAL E 147 3.53 56.21 12.86
N PRO E 148 3.48 57.45 13.39
CA PRO E 148 4.18 57.79 14.67
C PRO E 148 3.56 56.97 15.81
N VAL E 149 4.38 56.23 16.55
CA VAL E 149 3.82 55.33 17.59
C VAL E 149 4.45 55.63 18.95
N THR E 150 3.75 55.30 20.04
CA THR E 150 4.29 55.52 21.40
C THR E 150 4.20 54.21 22.15
N PRO E 151 5.20 53.84 22.97
CA PRO E 151 5.21 52.53 23.67
C PRO E 151 3.99 52.37 24.56
N GLY E 152 3.46 51.16 24.66
CA GLY E 152 2.33 50.88 25.51
C GLY E 152 0.97 51.05 24.85
N GLU E 153 0.92 51.59 23.65
CA GLU E 153 -0.33 51.82 22.94
C GLU E 153 -0.59 50.70 21.95
N SER E 154 -1.77 50.74 21.33
CA SER E 154 -2.17 49.77 20.32
C SER E 154 -2.21 50.47 18.96
N VAL E 155 -1.55 49.87 17.98
CA VAL E 155 -1.45 50.43 16.65
C VAL E 155 -1.91 49.39 15.63
N SER E 156 -2.70 49.83 14.66
CA SER E 156 -3.22 48.96 13.61
C SER E 156 -2.66 49.39 12.26
N ILE E 157 -2.09 48.43 11.54
CA ILE E 157 -1.56 48.66 10.19
C ILE E 157 -2.60 48.18 9.19
N SER E 158 -2.91 49.02 8.21
CA SER E 158 -3.94 48.72 7.22
C SER E 158 -3.30 48.27 5.92
N CYS E 159 -4.03 47.44 5.17
CA CYS E 159 -3.55 46.94 3.90
C CYS E 159 -4.75 46.66 2.99
N ARG E 160 -4.49 46.63 1.69
CA ARG E 160 -5.53 46.39 0.70
C ARG E 160 -4.95 45.60 -0.46
N SER E 161 -5.83 44.95 -1.21
CA SER E 161 -5.44 44.16 -2.37
C SER E 161 -6.34 44.53 -3.55
N SER E 162 -5.77 44.43 -4.75
CA SER E 162 -6.55 44.72 -5.96
C SER E 162 -7.69 43.73 -6.14
N LYS E 163 -7.42 42.44 -5.88
CA LYS E 163 -8.43 41.41 -5.97
C LYS E 163 -8.50 40.66 -4.64
N SER E 164 -9.64 40.01 -4.42
CA SER E 164 -9.87 39.29 -3.16
C SER E 164 -8.83 38.18 -2.99
N LEU E 165 -8.22 38.12 -1.81
CA LEU E 165 -7.24 37.09 -1.51
C LEU E 165 -7.87 35.83 -0.93
N LEU E 166 -9.16 35.85 -0.64
CA LEU E 166 -9.82 34.65 -0.13
C LEU E 166 -10.03 33.65 -1.26
N HIS E 167 -9.64 32.40 -1.01
CA HIS E 167 -9.77 31.34 -1.99
C HIS E 167 -11.00 30.49 -1.69
N SER E 168 -11.36 29.63 -2.65
CA SER E 168 -12.52 28.78 -2.49
C SER E 168 -12.33 27.74 -1.39
N ASN E 169 -11.09 27.44 -1.02
CA ASN E 169 -10.82 26.47 0.03
C ASN E 169 -10.92 27.06 1.44
N GLY E 170 -11.15 28.36 1.56
CA GLY E 170 -11.30 29.01 2.84
C GLY E 170 -10.08 29.74 3.34
N ASN E 171 -8.94 29.63 2.65
CA ASN E 171 -7.73 30.32 3.06
C ASN E 171 -7.66 31.71 2.45
N THR E 172 -7.09 32.63 3.20
CA THR E 172 -6.82 33.99 2.73
C THR E 172 -5.30 34.19 2.75
N TYR E 173 -4.68 34.10 1.59
CA TYR E 173 -3.22 34.03 1.49
C TYR E 173 -2.63 35.44 1.60
N LEU E 174 -2.65 35.96 2.82
CA LEU E 174 -2.01 37.24 3.14
C LEU E 174 -0.97 37.02 4.22
N TYR E 175 0.20 37.62 4.02
CA TYR E 175 1.34 37.45 4.93
C TYR E 175 1.80 38.80 5.43
N TRP E 176 2.19 38.85 6.70
CA TRP E 176 2.69 40.06 7.33
C TRP E 176 4.14 39.84 7.75
N PHE E 177 5.01 40.79 7.40
CA PHE E 177 6.42 40.72 7.72
C PHE E 177 6.85 41.97 8.46
N LEU E 178 7.83 41.83 9.33
CA LEU E 178 8.43 42.94 10.05
C LEU E 178 9.93 42.97 9.76
N GLN E 179 10.41 44.13 9.33
CA GLN E 179 11.84 44.33 9.07
C GLN E 179 12.36 45.35 10.06
N ARG E 180 12.96 44.87 11.14
CA ARG E 180 13.60 45.76 12.09
C ARG E 180 14.79 46.45 11.41
N PRO E 181 15.11 47.67 11.81
CA PRO E 181 16.19 48.41 11.14
C PRO E 181 17.51 47.65 11.22
N GLY E 182 18.20 47.61 10.09
CA GLY E 182 19.45 46.86 10.00
C GLY E 182 19.29 45.37 10.23
N GLN E 183 18.18 44.80 9.77
CA GLN E 183 17.91 43.38 9.98
C GLN E 183 17.12 42.83 8.81
N SER E 184 17.16 41.51 8.66
CA SER E 184 16.36 40.85 7.65
C SER E 184 14.91 40.76 8.10
N PRO E 185 13.97 40.75 7.15
CA PRO E 185 12.56 40.65 7.52
C PRO E 185 12.25 39.33 8.23
N GLN E 186 11.29 39.38 9.13
CA GLN E 186 10.84 38.20 9.85
C GLN E 186 9.34 38.06 9.69
N LEU E 187 8.88 36.81 9.71
CA LEU E 187 7.47 36.52 9.52
C LEU E 187 6.71 36.75 10.82
N LEU E 188 5.57 37.43 10.73
CA LEU E 188 4.70 37.64 11.88
C LEU E 188 3.41 36.83 11.76
N ILE E 189 2.68 37.00 10.67
CA ILE E 189 1.39 36.35 10.48
C ILE E 189 1.36 35.74 9.08
N TYR E 190 0.97 34.48 8.99
CA TYR E 190 0.79 33.80 7.72
C TYR E 190 -0.68 33.45 7.54
N ARG E 191 -1.17 33.64 6.32
CA ARG E 191 -2.58 33.42 5.98
C ARG E 191 -3.51 34.32 6.78
N MET E 192 -3.02 35.51 7.13
CA MET E 192 -3.81 36.65 7.63
C MET E 192 -4.31 36.44 9.05
N SER E 193 -4.20 35.23 9.59
CA SER E 193 -4.74 34.96 10.92
C SER E 193 -3.83 34.17 11.84
N ASN E 194 -2.86 33.41 11.32
CA ASN E 194 -2.05 32.52 12.14
C ASN E 194 -0.77 33.20 12.54
N LEU E 195 -0.45 33.15 13.83
CA LEU E 195 0.76 33.76 14.36
C LEU E 195 1.96 32.85 14.12
N ALA E 196 3.03 33.42 13.58
CA ALA E 196 4.24 32.65 13.34
C ALA E 196 4.86 32.22 14.67
N SER E 197 5.56 31.09 14.63
CA SER E 197 6.19 30.57 15.84
C SER E 197 7.26 31.52 16.34
N GLY E 198 7.27 31.74 17.65
CA GLY E 198 8.21 32.65 18.27
C GLY E 198 7.78 34.09 18.30
N VAL E 199 6.65 34.42 17.69
CA VAL E 199 6.13 35.79 17.67
C VAL E 199 5.27 36.01 18.91
N PRO E 200 5.46 37.10 19.64
CA PRO E 200 4.63 37.33 20.83
C PRO E 200 3.15 37.47 20.48
N ASP E 201 2.30 37.10 21.43
CA ASP E 201 0.86 37.04 21.21
C ASP E 201 0.24 38.41 20.99
N ARG E 202 0.97 39.49 21.24
CA ARG E 202 0.42 40.83 21.08
C ARG E 202 0.15 41.20 19.63
N PHE E 203 0.63 40.40 18.67
CA PHE E 203 0.33 40.62 17.26
C PHE E 203 -0.92 39.86 16.86
N SER E 204 -1.76 40.51 16.05
CA SER E 204 -3.00 39.89 15.60
C SER E 204 -3.33 40.39 14.20
N GLY E 205 -4.05 39.57 13.45
CA GLY E 205 -4.39 39.92 12.08
C GLY E 205 -5.84 39.62 11.80
N SER E 206 -6.41 40.38 10.87
CA SER E 206 -7.82 40.25 10.51
C SER E 206 -8.00 40.75 9.08
N GLY E 207 -9.26 40.94 8.68
CA GLY E 207 -9.59 41.34 7.33
C GLY E 207 -10.39 40.23 6.68
N SER E 208 -11.26 40.60 5.74
CA SER E 208 -12.18 39.62 5.15
C SER E 208 -11.64 39.03 3.86
N GLY E 209 -11.59 39.83 2.79
CA GLY E 209 -10.99 39.35 1.57
C GLY E 209 -10.16 40.35 0.79
N THR E 210 -10.32 41.62 1.11
CA THR E 210 -9.67 42.67 0.34
C THR E 210 -8.93 43.68 1.21
N ALA E 211 -9.50 44.05 2.35
CA ALA E 211 -8.88 44.96 3.29
C ALA E 211 -8.46 44.17 4.52
N PHE E 212 -7.19 44.26 4.88
CA PHE E 212 -6.63 43.51 5.98
C PHE E 212 -5.96 44.45 6.98
N THR E 213 -5.99 44.08 8.24
CA THR E 213 -5.43 44.89 9.31
C THR E 213 -4.57 44.03 10.21
N LEU E 214 -3.40 44.55 10.56
CA LEU E 214 -2.52 43.93 11.55
C LEU E 214 -2.51 44.81 12.78
N THR E 215 -2.91 44.25 13.91
CA THR E 215 -3.07 45.00 15.15
C THR E 215 -1.97 44.63 16.12
N ILE E 216 -1.20 45.61 16.58
CA ILE E 216 -0.18 45.40 17.58
C ILE E 216 -0.65 45.99 18.91
N SER E 217 -1.32 45.18 19.72
CA SER E 217 -1.84 45.65 21.00
C SER E 217 -0.71 45.72 22.02
N ARG E 218 -0.70 46.79 22.83
CA ARG E 218 0.31 47.00 23.86
C ARG E 218 1.71 46.97 23.25
N LEU E 219 1.93 47.96 22.38
CA LEU E 219 3.17 48.04 21.63
C LEU E 219 4.34 48.40 22.55
N GLU E 220 5.48 47.75 22.31
CA GLU E 220 6.70 48.07 23.03
C GLU E 220 7.83 48.33 22.03
N ALA E 221 9.06 48.47 22.52
CA ALA E 221 10.20 48.64 21.65
C ALA E 221 10.48 47.33 20.91
N GLU E 222 11.52 47.36 20.07
CA GLU E 222 11.92 46.22 19.24
C GLU E 222 10.84 45.85 18.24
N ASP E 223 9.75 46.62 18.20
CA ASP E 223 8.69 46.44 17.22
C ASP E 223 8.66 47.57 16.20
N VAL E 224 9.56 48.54 16.31
CA VAL E 224 9.64 49.60 15.32
C VAL E 224 10.33 49.09 14.06
N GLY E 225 9.98 49.67 12.94
CA GLY E 225 10.51 49.27 11.67
C GLY E 225 9.44 49.38 10.60
N VAL E 226 9.62 48.63 9.52
CA VAL E 226 8.71 48.64 8.39
C VAL E 226 7.95 47.33 8.37
N TYR E 227 6.63 47.41 8.27
CA TYR E 227 5.76 46.24 8.19
C TYR E 227 5.32 46.05 6.75
N TYR E 228 5.56 44.86 6.21
CA TYR E 228 5.26 44.56 4.81
C TYR E 228 4.13 43.54 4.73
N CYS E 229 3.26 43.72 3.75
CA CYS E 229 2.19 42.78 3.46
C CYS E 229 2.49 42.06 2.15
N MET E 230 2.27 40.76 2.12
CA MET E 230 2.54 39.95 0.93
C MET E 230 1.36 39.03 0.69
N GLN E 231 1.00 38.86 -0.57
CA GLN E 231 -0.02 37.91 -0.97
C GLN E 231 0.64 36.65 -1.53
N HIS E 232 -0.02 35.52 -1.33
CA HIS E 232 0.48 34.24 -1.83
C HIS E 232 -0.62 33.51 -2.58
N LEU E 233 -1.45 34.24 -3.31
CA LEU E 233 -2.52 33.64 -4.08
C LEU E 233 -2.03 33.23 -5.47
N GLU E 234 -1.45 34.17 -6.20
CA GLU E 234 -0.81 33.89 -7.48
C GLU E 234 0.69 34.16 -7.38
N TYR E 235 1.46 33.27 -8.00
CA TYR E 235 2.91 33.25 -7.80
C TYR E 235 3.68 34.49 -8.21
N PRO E 236 3.18 35.36 -9.09
CA PRO E 236 3.80 36.69 -9.18
C PRO E 236 3.60 37.44 -7.87
N LEU E 237 4.27 36.98 -6.82
CA LEU E 237 4.05 37.49 -5.47
C LEU E 237 4.39 38.96 -5.39
N THR E 238 3.50 39.72 -4.76
CA THR E 238 3.65 41.17 -4.67
C THR E 238 3.65 41.59 -3.20
N PHE E 239 4.51 42.55 -2.89
CA PHE E 239 4.62 43.10 -1.56
C PHE E 239 4.02 44.50 -1.53
N GLY E 240 3.54 44.89 -0.35
CA GLY E 240 3.10 46.25 -0.16
C GLY E 240 4.27 47.21 -0.10
N ALA E 241 3.95 48.50 -0.18
CA ALA E 241 5.00 49.52 -0.10
C ALA E 241 5.67 49.53 1.27
N GLY E 242 5.01 49.02 2.30
CA GLY E 242 5.60 48.97 3.62
C GLY E 242 5.19 50.14 4.49
N THR E 243 4.71 49.86 5.69
CA THR E 243 4.33 50.88 6.65
C THR E 243 5.38 50.96 7.75
N LYS E 244 5.91 52.15 7.98
CA LYS E 244 7.00 52.36 8.91
C LYS E 244 6.45 52.84 10.25
N LEU E 245 6.87 52.18 11.33
CA LEU E 245 6.52 52.58 12.69
C LEU E 245 7.70 53.32 13.30
N GLU E 246 7.54 54.61 13.51
CA GLU E 246 8.60 55.46 14.04
C GLU E 246 8.32 55.78 15.50
N LEU E 247 9.33 55.58 16.35
CA LEU E 247 9.17 55.85 17.78
C LEU E 247 9.46 57.32 18.09
N GLY F 2 -9.87 24.19 -15.67
CA GLY F 2 -8.75 24.83 -15.00
C GLY F 2 -8.28 24.07 -13.78
N CYS F 3 -7.12 24.47 -13.26
CA CYS F 3 -6.58 23.82 -12.06
C CYS F 3 -7.48 24.05 -10.86
N THR F 4 -7.98 25.27 -10.69
CA THR F 4 -8.79 25.66 -9.53
C THR F 4 -8.07 25.35 -8.23
N LEU F 5 -6.75 25.57 -8.22
CA LEU F 5 -5.92 25.35 -7.05
C LEU F 5 -5.12 26.61 -6.76
N SER F 6 -4.90 26.86 -5.47
CA SER F 6 -4.04 27.97 -5.09
C SER F 6 -2.57 27.58 -5.25
N ALA F 7 -1.69 28.56 -5.09
CA ALA F 7 -0.26 28.29 -5.17
C ALA F 7 0.19 27.34 -4.09
N GLU F 8 -0.28 27.56 -2.86
CA GLU F 8 0.09 26.68 -1.76
C GLU F 8 -0.50 25.29 -1.94
N ASP F 9 -1.71 25.20 -2.50
CA ASP F 9 -2.29 23.90 -2.78
C ASP F 9 -1.46 23.14 -3.81
N LYS F 10 -1.02 23.81 -4.87
CA LYS F 10 -0.18 23.16 -5.86
C LYS F 10 1.14 22.71 -5.26
N ALA F 11 1.74 23.54 -4.41
CA ALA F 11 3.00 23.16 -3.79
C ALA F 11 2.82 21.97 -2.85
N ALA F 12 1.69 21.93 -2.12
CA ALA F 12 1.40 20.78 -1.27
C ALA F 12 1.20 19.52 -2.10
N VAL F 13 0.55 19.65 -3.26
CA VAL F 13 0.38 18.50 -4.14
C VAL F 13 1.73 18.01 -4.63
N GLU F 14 2.63 18.93 -4.97
CA GLU F 14 3.97 18.54 -5.40
C GLU F 14 4.72 17.83 -4.28
N ARG F 15 4.58 18.33 -3.05
CA ARG F 15 5.22 17.65 -1.91
C ARG F 15 4.67 16.25 -1.73
N SER F 16 3.35 16.08 -1.88
CA SER F 16 2.75 14.76 -1.78
C SER F 16 3.25 13.85 -2.88
N LYS F 17 3.45 14.37 -4.08
CA LYS F 17 4.00 13.56 -5.17
C LYS F 17 5.42 13.13 -4.86
N MET F 18 6.23 14.02 -4.29
CA MET F 18 7.58 13.64 -3.90
C MET F 18 7.57 12.56 -2.83
N ILE F 19 6.66 12.68 -1.86
CA ILE F 19 6.53 11.66 -0.83
C ILE F 19 6.12 10.33 -1.45
N ASP F 20 5.20 10.37 -2.42
CA ASP F 20 4.79 9.16 -3.12
C ASP F 20 5.97 8.51 -3.83
N ARG F 21 6.80 9.32 -4.50
CA ARG F 21 7.95 8.79 -5.20
C ARG F 21 8.93 8.12 -4.22
N ASN F 22 9.17 8.77 -3.08
CA ASN F 22 10.06 8.18 -2.09
C ASN F 22 9.49 6.89 -1.52
N LEU F 23 8.18 6.85 -1.28
CA LEU F 23 7.55 5.64 -0.79
C LEU F 23 7.67 4.50 -1.80
N ARG F 24 7.48 4.81 -3.08
CA ARG F 24 7.62 3.80 -4.12
C ARG F 24 9.04 3.28 -4.19
N GLU F 25 10.03 4.18 -4.07
CA GLU F 25 11.42 3.74 -4.07
C GLU F 25 11.71 2.85 -2.88
N ASP F 26 11.22 3.21 -1.70
CA ASP F 26 11.44 2.39 -0.51
C ASP F 26 10.78 1.02 -0.66
N GLY F 27 9.57 0.98 -1.21
CA GLY F 27 8.91 -0.29 -1.42
C GLY F 27 9.63 -1.17 -2.42
N GLU F 28 10.13 -0.58 -3.50
CA GLU F 28 10.91 -1.35 -4.46
C GLU F 28 12.19 -1.88 -3.83
N LYS F 29 12.84 -1.08 -3.00
CA LYS F 29 14.04 -1.55 -2.30
C LYS F 29 13.70 -2.70 -1.35
N ALA F 30 12.59 -2.60 -0.63
CA ALA F 30 12.24 -3.63 0.33
C ALA F 30 11.74 -4.90 -0.36
N ALA F 31 11.25 -4.78 -1.59
CA ALA F 31 10.79 -5.97 -2.30
C ALA F 31 11.93 -6.91 -2.65
N ARG F 32 13.13 -6.39 -2.87
CA ARG F 32 14.30 -7.21 -3.16
C ARG F 32 15.05 -7.59 -1.89
N GLU F 33 14.32 -8.11 -0.92
CA GLU F 33 14.90 -8.52 0.36
C GLU F 33 14.22 -9.79 0.83
N VAL F 34 14.96 -10.61 1.56
CA VAL F 34 14.47 -11.88 2.05
C VAL F 34 14.25 -11.76 3.54
N LYS F 35 13.02 -12.01 3.98
CA LYS F 35 12.65 -11.91 5.38
C LYS F 35 12.45 -13.32 5.93
N LEU F 36 13.19 -13.65 6.98
CA LEU F 36 13.13 -14.97 7.61
C LEU F 36 12.73 -14.81 9.06
N LEU F 37 11.85 -15.70 9.52
CA LEU F 37 11.39 -15.70 10.90
C LEU F 37 12.10 -16.80 11.66
N LEU F 38 12.74 -16.45 12.77
CA LEU F 38 13.47 -17.41 13.59
C LEU F 38 12.55 -17.94 14.67
N LEU F 39 12.43 -19.26 14.75
CA LEU F 39 11.62 -19.91 15.77
C LEU F 39 12.36 -21.12 16.32
N GLY F 40 12.06 -21.47 17.56
CA GLY F 40 12.71 -22.59 18.20
C GLY F 40 12.40 -22.61 19.68
N ALA F 41 13.11 -23.50 20.39
CA ALA F 41 12.97 -23.60 21.82
C ALA F 41 13.85 -22.58 22.52
N GLY F 42 13.87 -22.63 23.85
CA GLY F 42 14.64 -21.66 24.61
C GLY F 42 16.13 -21.77 24.38
N GLU F 43 16.65 -23.00 24.35
CA GLU F 43 18.07 -23.26 24.18
C GLU F 43 18.30 -24.21 23.01
N SER F 44 17.63 -23.94 21.90
CA SER F 44 17.68 -24.79 20.71
C SER F 44 18.74 -24.36 19.71
N GLY F 45 19.81 -23.72 20.17
CA GLY F 45 20.86 -23.30 19.27
C GLY F 45 20.54 -22.09 18.42
N LYS F 46 19.57 -21.28 18.84
CA LYS F 46 19.22 -20.07 18.07
C LYS F 46 20.38 -19.08 18.07
N SER F 47 21.04 -18.89 19.22
CA SER F 47 22.15 -17.96 19.30
C SER F 47 23.30 -18.39 18.41
N THR F 48 23.60 -19.68 18.41
CA THR F 48 24.66 -20.20 17.53
C THR F 48 24.28 -20.00 16.06
N ILE F 49 23.00 -20.18 15.74
CA ILE F 49 22.54 -19.96 14.37
C ILE F 49 22.75 -18.50 13.96
N VAL F 50 22.36 -17.58 14.83
CA VAL F 50 22.52 -16.15 14.52
C VAL F 50 23.99 -15.80 14.37
N LYS F 51 24.84 -16.31 15.25
CA LYS F 51 26.28 -16.02 15.12
C LYS F 51 26.88 -16.72 13.91
N GLN F 52 26.26 -17.80 13.44
CA GLN F 52 26.76 -18.47 12.24
C GLN F 52 26.47 -17.66 10.99
N MET F 53 25.26 -17.12 10.85
CA MET F 53 25.05 -16.21 9.74
C MET F 53 25.23 -14.74 10.11
N LYS F 54 25.83 -14.44 11.27
CA LYS F 54 26.21 -13.07 11.60
C LYS F 54 27.30 -13.06 12.66
N LYS F 180 17.93 -3.23 23.65
CA LYS F 180 17.54 -2.51 24.85
C LYS F 180 16.48 -3.29 25.64
N THR F 181 15.33 -3.50 25.02
CA THR F 181 14.24 -4.24 25.63
C THR F 181 14.09 -5.61 24.96
N THR F 182 13.32 -6.47 25.63
CA THR F 182 13.10 -7.84 25.16
C THR F 182 12.00 -7.86 24.09
N GLY F 183 12.23 -7.10 23.03
CA GLY F 183 11.35 -7.05 21.89
C GLY F 183 11.81 -7.95 20.76
N ILE F 184 11.41 -7.60 19.55
CA ILE F 184 11.86 -8.34 18.37
C ILE F 184 13.30 -7.97 18.07
N VAL F 185 14.13 -8.98 17.83
CA VAL F 185 15.53 -8.79 17.49
C VAL F 185 15.69 -9.04 16.01
N GLU F 186 16.09 -8.01 15.27
CA GLU F 186 16.26 -8.09 13.83
C GLU F 186 17.74 -8.00 13.49
N THR F 187 18.22 -8.96 12.72
CA THR F 187 19.62 -9.00 12.31
C THR F 187 19.70 -9.10 10.80
N HIS F 188 20.67 -8.40 10.22
CA HIS F 188 20.86 -8.36 8.78
C HIS F 188 22.19 -9.01 8.41
N PHE F 189 22.21 -9.63 7.23
CA PHE F 189 23.46 -10.15 6.68
C PHE F 189 23.27 -10.34 5.18
N THR F 190 24.23 -9.83 4.40
CA THR F 190 24.20 -9.94 2.95
C THR F 190 25.03 -11.13 2.51
N PHE F 191 24.46 -11.96 1.65
CA PHE F 191 25.15 -13.14 1.13
C PHE F 191 24.91 -13.21 -0.37
N LYS F 192 25.97 -12.92 -1.15
CA LYS F 192 25.90 -12.96 -2.60
C LYS F 192 24.81 -12.04 -3.14
N ASP F 193 24.83 -10.79 -2.66
CA ASP F 193 23.90 -9.74 -3.12
C ASP F 193 22.45 -10.14 -2.89
N LEU F 194 22.18 -10.79 -1.75
CA LEU F 194 20.85 -11.24 -1.40
C LEU F 194 20.54 -10.88 0.05
N HIS F 195 20.74 -9.61 0.39
CA HIS F 195 20.59 -9.11 1.76
C HIS F 195 19.39 -9.72 2.47
N PHE F 196 19.65 -10.41 3.57
CA PHE F 196 18.63 -11.10 4.35
C PHE F 196 18.23 -10.26 5.56
N LYS F 197 17.04 -10.56 6.09
CA LYS F 197 16.56 -9.99 7.34
C LYS F 197 16.01 -11.12 8.18
N MET F 198 16.69 -11.44 9.27
CA MET F 198 16.27 -12.49 10.18
C MET F 198 15.65 -11.88 11.42
N PHE F 199 14.43 -12.28 11.74
CA PHE F 199 13.68 -11.73 12.86
C PHE F 199 13.58 -12.78 13.96
N ASP F 200 14.07 -12.44 15.15
CA ASP F 200 14.03 -13.33 16.30
C ASP F 200 12.95 -12.85 17.25
N VAL F 201 12.00 -13.73 17.57
CA VAL F 201 10.88 -13.38 18.43
C VAL F 201 10.88 -14.30 19.65
N GLY F 202 12.06 -14.76 20.05
CA GLY F 202 12.16 -15.63 21.20
C GLY F 202 11.98 -14.93 22.53
N ALA F 203 12.05 -13.61 22.56
CA ALA F 203 11.88 -12.84 23.78
C ALA F 203 10.44 -12.36 23.99
N GLN F 204 9.52 -12.73 23.10
CA GLN F 204 8.11 -12.34 23.22
C GLN F 204 7.39 -13.40 24.04
N ARG F 205 7.27 -13.15 25.34
CA ARG F 205 6.60 -14.09 26.24
C ARG F 205 5.11 -13.78 26.35
N SER F 206 4.44 -13.71 25.20
CA SER F 206 3.02 -13.38 25.15
C SER F 206 2.27 -14.37 24.26
N GLU F 207 0.99 -14.12 24.03
CA GLU F 207 0.21 -14.98 23.16
C GLU F 207 0.73 -14.86 21.73
N ARG F 208 1.23 -15.96 21.18
CA ARG F 208 1.77 -15.96 19.83
C ARG F 208 0.69 -15.63 18.81
N LYS F 209 -0.53 -16.12 19.03
CA LYS F 209 -1.59 -15.94 18.06
C LYS F 209 -1.98 -14.47 17.88
N LYS F 210 -1.61 -13.61 18.82
CA LYS F 210 -1.95 -12.20 18.73
C LYS F 210 -0.98 -11.38 17.90
N TRP F 211 0.19 -11.93 17.56
CA TRP F 211 1.13 -11.23 16.71
C TRP F 211 1.76 -12.10 15.63
N ILE F 212 1.43 -13.40 15.57
CA ILE F 212 2.05 -14.26 14.57
C ILE F 212 1.60 -13.91 13.16
N HIS F 213 0.45 -13.23 13.02
CA HIS F 213 -0.02 -12.86 11.70
C HIS F 213 0.77 -11.70 11.10
N CYS F 214 1.62 -11.04 11.88
CA CYS F 214 2.46 -9.99 11.33
C CYS F 214 3.46 -10.54 10.32
N PHE F 215 4.00 -11.72 10.57
CA PHE F 215 4.96 -12.35 9.66
C PHE F 215 4.26 -13.24 8.64
N GLU F 216 3.23 -12.71 7.99
CA GLU F 216 2.50 -13.52 7.02
C GLU F 216 3.25 -13.65 5.70
N GLY F 217 3.96 -12.62 5.28
CA GLY F 217 4.61 -12.63 3.98
C GLY F 217 6.09 -12.94 4.02
N VAL F 218 6.57 -13.53 5.11
CA VAL F 218 7.98 -13.86 5.21
C VAL F 218 8.35 -14.90 4.16
N THR F 219 9.57 -14.81 3.65
CA THR F 219 10.02 -15.73 2.61
C THR F 219 10.05 -17.18 3.13
N ALA F 220 10.56 -17.37 4.34
CA ALA F 220 10.67 -18.70 4.90
C ALA F 220 10.78 -18.58 6.41
N ILE F 221 10.59 -19.71 7.09
CA ILE F 221 10.69 -19.79 8.54
C ILE F 221 11.88 -20.70 8.86
N ILE F 222 12.80 -20.21 9.67
CA ILE F 222 13.97 -20.98 10.09
C ILE F 222 13.64 -21.55 11.47
N PHE F 223 13.35 -22.84 11.51
CA PHE F 223 13.01 -23.53 12.76
C PHE F 223 14.22 -24.30 13.24
N CYS F 224 14.68 -24.00 14.45
CA CYS F 224 15.87 -24.63 15.01
C CYS F 224 15.47 -25.50 16.20
N VAL F 225 15.89 -26.76 16.17
CA VAL F 225 15.71 -27.67 17.29
C VAL F 225 17.07 -28.28 17.61
N ALA F 226 17.19 -28.75 18.85
CA ALA F 226 18.44 -29.33 19.33
C ALA F 226 18.34 -30.84 19.30
N LEU F 227 19.28 -31.49 18.62
CA LEU F 227 19.29 -32.95 18.55
C LEU F 227 19.54 -33.59 19.91
N SER F 228 20.15 -32.87 20.83
CA SER F 228 20.51 -33.41 22.14
C SER F 228 19.39 -33.27 23.17
N ASP F 229 18.23 -32.75 22.77
CA ASP F 229 17.11 -32.58 23.69
C ASP F 229 16.20 -33.79 23.76
N TYR F 230 16.54 -34.89 23.06
CA TYR F 230 15.71 -36.09 23.15
C TYR F 230 15.73 -36.67 24.55
N ASP F 231 16.84 -36.51 25.25
CA ASP F 231 16.99 -37.04 26.60
C ASP F 231 16.67 -35.98 27.65
N LEU F 232 17.09 -34.74 27.41
CA LEU F 232 16.91 -33.68 28.41
C LEU F 232 15.44 -33.38 28.64
N VAL F 233 15.14 -32.92 29.86
CA VAL F 233 13.78 -32.58 30.28
C VAL F 233 13.82 -31.19 30.89
N LEU F 234 12.87 -30.35 30.49
CA LEU F 234 12.83 -28.96 30.95
C LEU F 234 12.33 -28.87 32.39
N ALA F 235 12.04 -27.65 32.84
CA ALA F 235 11.60 -27.40 34.20
C ALA F 235 10.41 -28.27 34.59
N GLU F 236 9.49 -28.48 33.65
CA GLU F 236 8.37 -29.39 33.87
C GLU F 236 8.87 -30.84 33.80
N ASP F 237 9.27 -31.34 34.97
CA ASP F 237 9.89 -32.67 35.05
C ASP F 237 8.94 -33.76 34.60
N GLU F 238 7.66 -33.67 34.96
CA GLU F 238 6.68 -34.70 34.58
C GLU F 238 6.50 -34.73 33.07
N GLU F 239 7.13 -35.75 32.46
CA GLU F 239 7.09 -35.91 30.98
C GLU F 239 7.58 -34.60 30.33
N MET F 240 6.87 -34.15 29.31
CA MET F 240 7.21 -32.90 28.64
C MET F 240 8.67 -32.89 28.18
N ASN F 241 9.06 -33.93 27.46
CA ASN F 241 10.41 -33.98 26.90
C ASN F 241 10.66 -32.78 26.00
N ARG F 242 11.86 -32.19 26.11
CA ARG F 242 12.18 -31.00 25.32
C ARG F 242 11.98 -31.24 23.83
N MET F 243 12.35 -32.42 23.35
CA MET F 243 12.12 -32.76 21.95
C MET F 243 10.63 -32.78 21.64
N HIS F 244 9.83 -33.34 22.54
CA HIS F 244 8.38 -33.35 22.33
C HIS F 244 7.83 -31.93 22.37
N GLU F 245 8.36 -31.08 23.25
CA GLU F 245 7.92 -29.69 23.29
C GLU F 245 8.22 -28.97 21.98
N SER F 246 9.43 -29.20 21.45
CA SER F 246 9.79 -28.59 20.17
C SER F 246 8.92 -29.13 19.03
N MET F 247 8.63 -30.43 19.07
CA MET F 247 7.75 -31.02 18.06
C MET F 247 6.36 -30.39 18.12
N LYS F 248 5.85 -30.17 19.34
CA LYS F 248 4.55 -29.52 19.50
C LYS F 248 4.60 -28.09 18.97
N LEU F 249 5.69 -27.38 19.24
CA LEU F 249 5.86 -26.04 18.67
C LEU F 249 5.93 -26.09 17.16
N PHE F 250 6.65 -27.09 16.61
CA PHE F 250 6.74 -27.21 15.16
C PHE F 250 5.38 -27.49 14.55
N ASP F 251 4.56 -28.31 15.20
CA ASP F 251 3.24 -28.63 14.68
C ASP F 251 2.37 -27.38 14.60
N SER F 252 2.45 -26.52 15.62
CA SER F 252 1.62 -25.31 15.63
C SER F 252 2.04 -24.33 14.55
N ILE F 253 3.33 -24.24 14.25
CA ILE F 253 3.81 -23.26 13.28
C ILE F 253 3.67 -23.80 11.86
N CYS F 254 4.05 -25.06 11.64
CA CYS F 254 3.99 -25.63 10.30
C CYS F 254 2.56 -25.66 9.77
N ASN F 255 1.61 -26.05 10.61
CA ASN F 255 0.20 -26.13 10.21
C ASN F 255 -0.59 -24.91 10.66
N ASN F 256 0.07 -23.77 10.86
CA ASN F 256 -0.62 -22.55 11.22
C ASN F 256 -1.46 -22.05 10.06
N LYS F 257 -2.53 -21.32 10.38
CA LYS F 257 -3.40 -20.79 9.35
C LYS F 257 -2.68 -19.78 8.47
N TRP F 258 -1.82 -18.97 9.06
CA TRP F 258 -1.15 -17.91 8.31
C TRP F 258 -0.04 -18.44 7.42
N PHE F 259 0.71 -19.45 7.87
CA PHE F 259 1.79 -20.03 7.08
C PHE F 259 1.28 -21.29 6.40
N THR F 260 0.52 -21.11 5.32
CA THR F 260 0.09 -22.21 4.48
C THR F 260 0.93 -22.35 3.23
N ASP F 261 1.70 -21.34 2.86
CA ASP F 261 2.59 -21.40 1.72
C ASP F 261 4.03 -21.06 2.09
N THR F 262 4.32 -20.89 3.38
CA THR F 262 5.65 -20.51 3.84
C THR F 262 6.47 -21.76 4.12
N SER F 263 7.54 -21.95 3.35
CA SER F 263 8.42 -23.08 3.56
C SER F 263 9.20 -22.92 4.86
N ILE F 264 9.60 -24.04 5.44
CA ILE F 264 10.31 -24.06 6.71
C ILE F 264 11.70 -24.64 6.48
N ILE F 265 12.72 -23.89 6.88
CA ILE F 265 14.11 -24.36 6.80
C ILE F 265 14.44 -24.95 8.16
N LEU F 266 14.19 -26.25 8.30
CA LEU F 266 14.42 -26.92 9.58
C LEU F 266 15.91 -27.10 9.82
N PHE F 267 16.36 -26.65 10.98
CA PHE F 267 17.77 -26.75 11.38
C PHE F 267 17.87 -27.69 12.57
N LEU F 268 18.69 -28.71 12.45
CA LEU F 268 18.92 -29.67 13.52
C LEU F 268 20.30 -29.39 14.11
N ASN F 269 20.33 -28.80 15.30
CA ASN F 269 21.55 -28.31 15.91
C ASN F 269 22.13 -29.33 16.90
N LYS F 270 23.36 -29.06 17.31
CA LYS F 270 24.07 -29.89 18.30
C LYS F 270 24.16 -31.34 17.84
N LYS F 271 24.73 -31.52 16.65
CA LYS F 271 24.94 -32.86 16.11
C LYS F 271 25.94 -33.64 16.93
N ASP F 272 27.03 -33.00 17.35
CA ASP F 272 28.07 -33.70 18.11
C ASP F 272 27.55 -34.16 19.46
N LEU F 273 26.80 -33.31 20.16
CA LEU F 273 26.24 -33.71 21.45
C LEU F 273 25.27 -34.87 21.29
N PHE F 274 24.49 -34.87 20.21
CA PHE F 274 23.63 -36.00 19.91
C PHE F 274 24.44 -37.26 19.67
N GLU F 275 25.57 -37.14 18.97
CA GLU F 275 26.42 -38.29 18.73
C GLU F 275 26.97 -38.86 20.03
N GLU F 276 27.42 -37.98 20.93
CA GLU F 276 27.97 -38.46 22.20
C GLU F 276 26.88 -39.03 23.09
N LYS F 277 25.72 -38.37 23.15
CA LYS F 277 24.65 -38.84 24.03
C LYS F 277 24.05 -40.16 23.56
N ILE F 278 24.07 -40.42 22.25
CA ILE F 278 23.48 -41.63 21.72
C ILE F 278 24.30 -42.87 22.04
N LYS F 279 25.54 -42.71 22.50
CA LYS F 279 26.36 -43.86 22.83
C LYS F 279 25.84 -44.59 24.07
N LYS F 280 25.30 -43.84 25.04
CA LYS F 280 24.82 -44.41 26.28
C LYS F 280 23.30 -44.39 26.39
N SER F 281 22.68 -43.23 26.24
CA SER F 281 21.23 -43.13 26.39
C SER F 281 20.54 -43.52 25.08
N PRO F 282 19.68 -44.53 25.09
CA PRO F 282 18.98 -44.91 23.86
C PRO F 282 17.92 -43.90 23.48
N LEU F 283 17.53 -43.94 22.21
CA LEU F 283 16.49 -43.04 21.72
C LEU F 283 15.10 -43.44 22.20
N THR F 284 14.96 -44.62 22.81
CA THR F 284 13.64 -45.10 23.21
C THR F 284 13.01 -44.23 24.29
N ILE F 285 13.80 -43.44 25.02
CA ILE F 285 13.22 -42.58 26.06
C ILE F 285 12.29 -41.54 25.44
N CYS F 286 12.75 -40.89 24.36
CA CYS F 286 11.91 -39.94 23.66
C CYS F 286 10.89 -40.63 22.77
N TYR F 287 11.29 -41.71 22.10
CA TYR F 287 10.44 -42.43 21.16
C TYR F 287 10.43 -43.90 21.54
N PRO F 288 9.53 -44.31 22.45
CA PRO F 288 9.43 -45.74 22.78
C PRO F 288 9.09 -46.61 21.57
N GLU F 289 8.34 -46.07 20.61
CA GLU F 289 7.96 -46.85 19.44
C GLU F 289 9.14 -47.09 18.50
N TYR F 290 10.26 -46.42 18.72
CA TYR F 290 11.43 -46.59 17.87
C TYR F 290 11.96 -48.03 17.98
N ALA F 291 12.22 -48.64 16.84
CA ALA F 291 12.69 -50.02 16.78
C ALA F 291 13.97 -50.13 15.96
N GLY F 292 14.65 -49.01 15.74
CA GLY F 292 15.89 -49.00 14.98
C GLY F 292 17.10 -49.14 15.87
N SER F 293 18.27 -49.04 15.24
CA SER F 293 19.52 -49.16 15.95
C SER F 293 19.76 -47.93 16.82
N ASN F 294 20.81 -48.00 17.64
CA ASN F 294 21.20 -46.92 18.53
C ASN F 294 22.29 -46.05 17.93
N THR F 295 22.63 -46.25 16.66
CA THR F 295 23.65 -45.45 16.02
C THR F 295 23.12 -44.05 15.70
N TYR F 296 24.05 -43.13 15.46
CA TYR F 296 23.67 -41.74 15.20
C TYR F 296 22.87 -41.60 13.90
N GLU F 297 23.26 -42.33 12.86
CA GLU F 297 22.67 -42.13 11.54
C GLU F 297 21.17 -42.46 11.55
N GLU F 298 20.82 -43.66 12.03
CA GLU F 298 19.43 -44.09 11.97
C GLU F 298 18.56 -43.27 12.92
N ALA F 299 19.07 -42.96 14.12
CA ALA F 299 18.31 -42.15 15.06
C ALA F 299 18.05 -40.76 14.49
N ALA F 300 19.08 -40.14 13.91
CA ALA F 300 18.92 -38.81 13.33
C ALA F 300 17.91 -38.84 12.18
N ALA F 301 18.02 -39.84 11.30
CA ALA F 301 17.08 -39.94 10.19
C ALA F 301 15.66 -40.16 10.71
N TYR F 302 15.49 -40.97 11.74
CA TYR F 302 14.16 -41.26 12.27
C TYR F 302 13.53 -40.01 12.87
N ILE F 303 14.30 -39.26 13.66
CA ILE F 303 13.72 -38.05 14.26
C ILE F 303 13.48 -36.98 13.20
N GLN F 304 14.32 -36.92 12.16
CA GLN F 304 14.05 -36.01 11.06
C GLN F 304 12.75 -36.39 10.36
N CYS F 305 12.51 -37.69 10.17
CA CYS F 305 11.25 -38.13 9.56
C CYS F 305 10.07 -37.78 10.46
N GLN F 306 10.23 -37.92 11.78
CA GLN F 306 9.17 -37.53 12.69
C GLN F 306 8.85 -36.04 12.58
N PHE F 307 9.90 -35.21 12.49
CA PHE F 307 9.67 -33.77 12.35
C PHE F 307 9.01 -33.44 11.02
N GLU F 308 9.43 -34.10 9.93
CA GLU F 308 8.87 -33.81 8.62
C GLU F 308 7.43 -34.29 8.49
N ASP F 309 7.09 -35.42 9.12
CA ASP F 309 5.75 -35.96 9.02
C ASP F 309 4.71 -35.14 9.75
N LEU F 310 5.13 -34.21 10.61
CA LEU F 310 4.18 -33.32 11.27
C LEU F 310 3.54 -32.35 10.29
N ASN F 311 4.13 -32.20 9.10
CA ASN F 311 3.56 -31.34 8.08
C ASN F 311 2.26 -31.93 7.55
N LYS F 312 1.23 -31.10 7.45
CA LYS F 312 -0.06 -31.53 6.91
C LYS F 312 -0.41 -30.82 5.61
N ARG F 313 0.54 -30.10 5.01
CA ARG F 313 0.34 -29.35 3.78
C ARG F 313 1.48 -29.62 2.81
N LYS F 314 1.78 -30.91 2.60
CA LYS F 314 2.91 -31.29 1.75
C LYS F 314 2.76 -30.73 0.34
N ASP F 315 1.53 -30.50 -0.12
CA ASP F 315 1.32 -29.99 -1.47
C ASP F 315 1.84 -28.57 -1.62
N THR F 316 1.62 -27.72 -0.62
CA THR F 316 1.93 -26.30 -0.74
C THR F 316 3.34 -25.96 -0.26
N LYS F 317 3.65 -26.29 0.99
CA LYS F 317 4.93 -25.92 1.58
C LYS F 317 5.90 -27.10 1.58
N GLU F 318 7.19 -26.78 1.55
CA GLU F 318 8.25 -27.77 1.57
C GLU F 318 9.14 -27.55 2.78
N ILE F 319 9.51 -28.64 3.45
CA ILE F 319 10.33 -28.58 4.65
C ILE F 319 11.76 -28.90 4.22
N TYR F 320 12.62 -27.88 4.24
CA TYR F 320 14.05 -28.09 4.00
C TYR F 320 14.74 -28.43 5.31
N THR F 321 15.53 -29.49 5.30
CA THR F 321 16.20 -29.99 6.50
C THR F 321 17.70 -30.00 6.30
N HIS F 322 18.43 -29.52 7.30
CA HIS F 322 19.89 -29.54 7.26
C HIS F 322 20.42 -29.77 8.67
N PHE F 323 21.28 -30.76 8.83
CA PHE F 323 21.95 -31.01 10.11
C PHE F 323 23.06 -29.99 10.27
N THR F 324 22.98 -29.19 11.33
CA THR F 324 23.93 -28.11 11.52
C THR F 324 25.33 -28.65 11.77
N CYS F 325 26.30 -28.15 11.02
CA CYS F 325 27.69 -28.58 11.14
C CYS F 325 28.47 -27.58 11.99
N SER F 326 29.54 -28.08 12.62
CA SER F 326 30.39 -27.21 13.43
C SER F 326 31.03 -26.11 12.61
N THR F 327 31.16 -26.30 11.30
CA THR F 327 31.68 -25.26 10.43
C THR F 327 30.69 -24.09 10.36
N ASP F 328 31.21 -22.93 9.98
CA ASP F 328 30.45 -21.70 10.00
C ASP F 328 29.91 -21.28 8.64
N THR F 329 30.61 -21.61 7.56
CA THR F 329 30.30 -21.09 6.23
C THR F 329 29.36 -21.99 5.43
N LYS F 330 28.86 -23.07 6.03
CA LYS F 330 28.00 -24.00 5.32
C LYS F 330 26.51 -23.84 5.63
N ASN F 331 26.15 -23.43 6.85
CA ASN F 331 24.74 -23.23 7.17
C ASN F 331 24.15 -22.08 6.36
N VAL F 332 24.89 -20.99 6.21
CA VAL F 332 24.41 -19.87 5.42
C VAL F 332 24.25 -20.27 3.95
N GLN F 333 25.12 -21.15 3.46
CA GLN F 333 24.97 -21.64 2.09
C GLN F 333 23.67 -22.40 1.93
N PHE F 334 23.33 -23.25 2.90
CA PHE F 334 22.08 -23.98 2.83
C PHE F 334 20.88 -23.05 2.92
N VAL F 335 20.95 -22.04 3.79
CA VAL F 335 19.87 -21.07 3.87
C VAL F 335 19.69 -20.35 2.54
N PHE F 336 20.80 -19.96 1.91
CA PHE F 336 20.73 -19.29 0.62
C PHE F 336 20.13 -20.19 -0.44
N ASP F 337 20.52 -21.47 -0.45
CA ASP F 337 19.98 -22.40 -1.44
C ASP F 337 18.47 -22.59 -1.25
N ALA F 338 18.04 -22.78 0.00
CA ALA F 338 16.61 -22.97 0.26
C ALA F 338 15.82 -21.72 -0.08
N VAL F 339 16.37 -20.54 0.23
CA VAL F 339 15.67 -19.30 -0.10
C VAL F 339 15.59 -19.11 -1.61
N THR F 340 16.65 -19.46 -2.32
CA THR F 340 16.61 -19.38 -3.78
C THR F 340 15.54 -20.29 -4.35
N ASP F 341 15.44 -21.53 -3.84
CA ASP F 341 14.41 -22.44 -4.32
C ASP F 341 13.01 -21.93 -4.00
N VAL F 342 12.83 -21.39 -2.79
CA VAL F 342 11.53 -20.85 -2.39
C VAL F 342 11.14 -19.67 -3.28
N ILE F 343 12.09 -18.78 -3.56
CA ILE F 343 11.80 -17.61 -4.38
C ILE F 343 11.49 -18.03 -5.81
N ILE F 344 12.22 -19.03 -6.33
CA ILE F 344 11.93 -19.53 -7.67
C ILE F 344 10.54 -20.12 -7.73
N LYS F 345 10.16 -20.91 -6.72
CA LYS F 345 8.83 -21.50 -6.69
C LYS F 345 7.75 -20.43 -6.60
N ASN F 346 7.97 -19.40 -5.78
CA ASN F 346 7.00 -18.32 -5.67
C ASN F 346 6.87 -17.55 -6.98
N ASN F 347 7.99 -17.31 -7.66
CA ASN F 347 7.94 -16.63 -8.96
C ASN F 347 7.19 -17.47 -9.97
N LEU F 348 7.42 -18.79 -9.97
CA LEU F 348 6.70 -19.67 -10.88
C LEU F 348 5.21 -19.66 -10.59
N LYS F 349 4.83 -19.67 -9.31
CA LYS F 349 3.42 -19.62 -8.94
C LYS F 349 2.79 -18.31 -9.38
N ASP F 350 3.49 -17.19 -9.20
CA ASP F 350 2.98 -15.91 -9.65
C ASP F 350 2.83 -15.87 -11.16
N CYS F 351 3.80 -16.44 -11.88
CA CYS F 351 3.74 -16.49 -13.33
C CYS F 351 2.58 -17.36 -13.81
N GLY F 352 2.27 -18.41 -13.06
CA GLY F 352 1.18 -19.31 -13.43
C GLY F 352 1.60 -20.62 -14.03
N LEU F 353 2.91 -20.92 -14.09
CA LEU F 353 3.34 -22.22 -14.58
C LEU F 353 2.83 -23.35 -13.69
N PHE F 354 2.91 -23.17 -12.38
CA PHE F 354 2.28 -24.09 -11.45
C PHE F 354 1.74 -23.34 -10.24
#